data_6IUT
#
_entry.id   6IUT
#
_cell.length_a   112.101
_cell.length_b   150.046
_cell.length_c   107.968
_cell.angle_alpha   90.00
_cell.angle_beta   90.00
_cell.angle_gamma   90.00
#
_symmetry.space_group_name_H-M   'C 2 2 21'
#
loop_
_entity.id
_entity.type
_entity.pdbx_description
1 polymer 'AVFluIgG01 Heavy Chain'
2 polymer 'AVFluIgG01 Light Chain'
3 polymer Hemagglutinin
4 branched 2-acetamido-2-deoxy-beta-D-glucopyranose-(1-4)-[alpha-L-fucopyranose-(1-6)]2-acetamido-2-deoxy-beta-D-glucopyranose
5 non-polymer 2-acetamido-2-deoxy-beta-D-glucopyranose
6 water water
#
loop_
_entity_poly.entity_id
_entity_poly.type
_entity_poly.pdbx_seq_one_letter_code
_entity_poly.pdbx_strand_id
1 'polypeptide(L)'
;VQLQESGPGLVKPSETLSLTCTVSGGSINSYYWSWIRQPPGKGLEWIGYLFDSGSTKYNPSLTSRVTISVDTSKNQFSLK
LSSVTAADTAVYYCARGFWGLDGFDIWGQGTTVTVSSASTKGPSVFPLAPSSKSTSGGTAALGCLVKDYFPEPVTVSWNS
GALTSGVHTFPAVLQSSGLYSLSSVVTVPSSSLGTQTYICNVNHKPSNTKVDKKVEPKS
;
H
2 'polypeptide(L)'
;AVLTQPASVSGSPGQSITISCTGTSSDVGDYNYVSWYQQHPGKAPTLMIYDVNKRPSGDSNRFSGSKSGNTASLTISGLQ
AEDEADYYCSSYTSSNTWVFGGGTKLEIKRTVAAPSVFIFPPSDEQLKSGTASVVCLLNNFYPREAKVQWKVDNALQSGN
SQESVTEQDSKDSTYSLSSTLTLSKADYEKHKVYACEVTHQGLSSPVTKSFNRGEC
;
L
3 'polypeptide(L)'
;DGVKPLILRDCSVAGWLLGNPMCDEFINVPEWSYIVEKANPANDLCYPGNFNDYEELKHLLSRINHFEKIQIIPKSSWSD
HEASSGVSSACPYQGTPSFFRNVVWLIKKNNTYPTIKRSYNNTNQEDLLILWGIHHSNDAAEQTKLYQNPTTYISVGTST
LNQRLVPKIATRSKVNGQSGRMDFFWTILKPNDAINFESNGNFIAPEYAYKIVKKGDSAIVKSEHHHHHH
;
A
#
loop_
_chem_comp.id
_chem_comp.type
_chem_comp.name
_chem_comp.formula
FUC L-saccharide, alpha linking alpha-L-fucopyranose 'C6 H12 O5'
NAG D-saccharide, beta linking 2-acetamido-2-deoxy-beta-D-glucopyranose 'C8 H15 N O6'
#
# COMPACT_ATOMS: atom_id res chain seq x y z
N VAL A 1 3.58 0.15 -16.16
CA VAL A 1 4.73 -0.17 -15.33
C VAL A 1 4.43 -1.35 -14.41
N GLN A 2 5.39 -2.25 -14.22
CA GLN A 2 5.21 -3.43 -13.38
C GLN A 2 6.39 -3.59 -12.45
N LEU A 3 6.10 -4.08 -11.25
CA LEU A 3 7.06 -4.34 -10.20
C LEU A 3 6.96 -5.81 -9.83
N GLN A 4 8.11 -6.44 -9.60
CA GLN A 4 8.12 -7.83 -9.17
C GLN A 4 9.15 -8.01 -8.07
N GLU A 5 8.72 -8.63 -6.98
CA GLU A 5 9.63 -8.98 -5.89
C GLU A 5 10.37 -10.26 -6.20
N SER A 6 11.60 -10.34 -5.73
CA SER A 6 12.42 -11.52 -5.98
C SER A 6 13.25 -11.79 -4.74
N GLY A 7 13.49 -13.08 -4.46
CA GLY A 7 14.31 -13.49 -3.34
C GLY A 7 13.80 -14.75 -2.66
N PRO A 8 14.56 -15.27 -1.69
CA PRO A 8 14.16 -16.53 -1.04
C PRO A 8 13.02 -16.35 -0.06
N GLY A 9 12.10 -17.32 -0.08
CA GLY A 9 10.90 -17.32 0.73
C GLY A 9 10.99 -18.06 2.05
N LEU A 10 12.18 -18.49 2.43
CA LEU A 10 12.42 -19.20 3.66
C LEU A 10 13.79 -18.77 4.18
N VAL A 11 13.82 -18.13 5.34
CA VAL A 11 15.06 -17.64 5.95
C VAL A 11 15.13 -18.20 7.37
N LYS A 12 16.36 -18.55 7.82
CA LYS A 12 16.56 -19.09 9.16
C LYS A 12 16.56 -17.97 10.19
N PRO A 13 16.06 -18.24 11.41
CA PRO A 13 16.09 -17.21 12.46
C PRO A 13 17.50 -16.65 12.63
N SER A 14 17.57 -15.35 12.94
CA SER A 14 18.77 -14.55 13.16
C SER A 14 19.53 -14.28 11.85
N GLU A 15 19.21 -14.94 10.74
CA GLU A 15 19.86 -14.62 9.48
C GLU A 15 19.24 -13.35 8.90
N THR A 16 19.60 -13.03 7.66
CA THR A 16 19.24 -11.78 7.01
C THR A 16 18.33 -12.04 5.81
N LEU A 17 17.16 -11.40 5.80
CA LEU A 17 16.24 -11.48 4.68
C LEU A 17 16.74 -10.53 3.59
N SER A 18 16.73 -11.01 2.34
CA SER A 18 17.21 -10.25 1.18
C SER A 18 16.18 -10.32 0.07
N LEU A 19 15.68 -9.16 -0.37
CA LEU A 19 14.71 -9.15 -1.45
C LEU A 19 15.10 -8.08 -2.46
N THR A 20 14.68 -8.30 -3.71
CA THR A 20 14.93 -7.36 -4.78
C THR A 20 13.65 -7.08 -5.54
N CYS A 21 13.43 -5.82 -5.91
CA CYS A 21 12.34 -5.44 -6.78
C CYS A 21 12.86 -5.05 -8.14
N THR A 22 12.34 -5.70 -9.19
CA THR A 22 12.72 -5.43 -10.56
C THR A 22 11.62 -4.62 -11.23
N VAL A 23 11.96 -3.43 -11.69
CA VAL A 23 11.01 -2.53 -12.33
C VAL A 23 11.07 -2.73 -13.84
N SER A 24 9.90 -2.95 -14.46
CA SER A 24 9.74 -3.16 -15.89
C SER A 24 8.85 -2.09 -16.50
N GLY A 25 9.22 -1.61 -17.69
CA GLY A 25 8.38 -0.67 -18.40
C GLY A 25 8.48 0.75 -17.89
N GLY A 26 9.51 1.07 -17.13
CA GLY A 26 9.67 2.41 -16.61
C GLY A 26 10.97 2.48 -15.85
N SER A 27 11.35 3.70 -15.48
CA SER A 27 12.65 3.95 -14.89
C SER A 27 12.50 4.16 -13.38
N ILE A 28 13.58 3.85 -12.65
CA ILE A 28 13.62 4.16 -11.24
C ILE A 28 13.54 5.66 -11.04
N ASN A 29 14.14 6.42 -11.95
CA ASN A 29 14.61 7.75 -11.60
C ASN A 29 13.47 8.73 -11.40
N SER A 30 13.61 9.53 -10.36
CA SER A 30 12.73 10.62 -9.98
C SER A 30 11.50 10.20 -9.17
N TYR A 31 11.15 8.91 -9.17
CA TYR A 31 10.12 8.33 -8.30
C TYR A 31 10.72 7.99 -6.93
N TYR A 32 9.84 7.74 -5.95
CA TYR A 32 10.29 7.13 -4.71
C TYR A 32 9.74 5.71 -4.60
N TRP A 33 10.40 4.92 -3.76
CA TRP A 33 10.28 3.47 -3.87
C TRP A 33 10.26 2.88 -2.47
N SER A 34 9.30 2.00 -2.21
CA SER A 34 9.01 1.64 -0.84
C SER A 34 8.85 0.14 -0.69
N TRP A 35 9.12 -0.35 0.52
CA TRP A 35 8.85 -1.73 0.90
C TRP A 35 7.79 -1.74 1.99
N ILE A 36 6.82 -2.65 1.88
CA ILE A 36 5.71 -2.80 2.84
C ILE A 36 5.46 -4.27 3.06
N ARG A 37 5.10 -4.64 4.29
CA ARG A 37 4.88 -6.04 4.59
C ARG A 37 3.54 -6.21 5.30
N GLN A 38 3.09 -7.44 5.31
CA GLN A 38 1.80 -7.81 5.86
C GLN A 38 1.90 -9.20 6.45
N PRO A 39 1.99 -9.32 7.77
CA PRO A 39 2.04 -10.64 8.38
C PRO A 39 0.73 -11.36 8.11
N PRO A 40 0.71 -12.68 8.17
CA PRO A 40 -0.52 -13.42 7.79
C PRO A 40 -1.71 -13.03 8.67
N GLY A 41 -2.78 -12.60 8.02
CA GLY A 41 -3.99 -12.18 8.71
C GLY A 41 -3.89 -10.87 9.45
N LYS A 42 -2.88 -10.06 9.17
CA LYS A 42 -2.68 -8.79 9.87
C LYS A 42 -2.79 -7.65 8.88
N GLY A 43 -2.41 -6.45 9.34
CA GLY A 43 -2.49 -5.27 8.51
C GLY A 43 -1.16 -4.87 7.86
N LEU A 44 -1.24 -3.89 6.99
CA LEU A 44 -0.04 -3.42 6.29
C LEU A 44 0.88 -2.67 7.24
N GLU A 45 2.18 -2.87 7.08
CA GLU A 45 3.17 -2.13 7.85
C GLU A 45 4.21 -1.56 6.90
N TRP A 46 4.41 -0.24 6.97
CA TRP A 46 5.42 0.45 6.21
C TRP A 46 6.80 0.17 6.76
N ILE A 47 7.68 -0.38 5.93
CA ILE A 47 9.07 -0.66 6.33
C ILE A 47 9.98 0.56 6.10
N GLY A 48 9.93 1.16 4.93
CA GLY A 48 10.73 2.33 4.64
C GLY A 48 10.66 2.68 3.16
N TYR A 49 11.32 3.78 2.78
CA TYR A 49 11.42 4.04 1.35
C TYR A 49 12.76 4.67 0.97
N LEU A 50 13.05 4.59 -0.33
CA LEU A 50 14.22 5.20 -0.92
C LEU A 50 13.75 6.30 -1.84
N PHE A 51 14.49 7.42 -1.85
CA PHE A 51 14.11 8.61 -2.59
C PHE A 51 15.36 9.36 -3.02
N ASP A 52 15.15 10.37 -3.89
CA ASP A 52 16.25 11.13 -4.48
C ASP A 52 17.26 10.16 -5.07
N SER A 53 18.56 10.46 -4.97
CA SER A 53 19.50 9.56 -5.63
C SER A 53 19.68 8.28 -4.85
N GLY A 54 19.78 8.35 -3.54
CA GLY A 54 19.90 7.14 -2.75
C GLY A 54 19.64 7.36 -1.28
N SER A 55 18.86 8.39 -0.96
CA SER A 55 18.49 8.66 0.41
C SER A 55 17.38 7.72 0.87
N THR A 56 17.38 7.42 2.16
CA THR A 56 16.41 6.49 2.71
C THR A 56 15.84 7.05 3.99
N LYS A 57 14.66 6.56 4.34
CA LYS A 57 14.07 6.74 5.66
C LYS A 57 13.28 5.48 6.02
N TYR A 58 13.45 5.01 7.25
CA TYR A 58 12.92 3.73 7.70
C TYR A 58 11.89 3.93 8.80
N ASN A 59 10.97 2.98 8.91
CA ASN A 59 10.07 2.90 10.06
C ASN A 59 10.89 2.93 11.36
N PRO A 60 10.57 3.81 12.32
CA PRO A 60 11.34 3.88 13.58
C PRO A 60 11.54 2.53 14.31
N SER A 61 10.56 1.63 14.24
CA SER A 61 10.63 0.35 14.94
C SER A 61 11.54 -0.67 14.26
N LEU A 62 11.99 -0.40 13.03
CA LEU A 62 12.80 -1.36 12.33
C LEU A 62 14.11 -0.77 11.84
N THR A 63 14.37 0.52 12.08
CA THR A 63 15.43 1.20 11.35
C THR A 63 16.81 0.64 11.68
N SER A 64 16.98 0.05 12.87
CA SER A 64 18.31 -0.51 13.16
C SER A 64 18.59 -1.82 12.42
N ARG A 65 17.60 -2.43 11.77
CA ARG A 65 17.79 -3.70 11.09
C ARG A 65 17.62 -3.65 9.57
N VAL A 66 17.25 -2.51 9.00
CA VAL A 66 16.81 -2.48 7.61
C VAL A 66 17.82 -1.71 6.79
N THR A 67 18.02 -2.17 5.57
CA THR A 67 18.79 -1.42 4.60
C THR A 67 18.02 -1.48 3.29
N ILE A 68 17.70 -0.32 2.73
CA ILE A 68 17.12 -0.23 1.39
C ILE A 68 18.16 0.41 0.49
N SER A 69 18.38 -0.19 -0.68
CA SER A 69 19.41 0.28 -1.60
C SER A 69 18.88 0.16 -3.01
N VAL A 70 19.55 0.84 -3.93
CA VAL A 70 19.08 0.96 -5.31
C VAL A 70 20.24 0.66 -6.24
N ASP A 71 19.90 0.13 -7.43
CA ASP A 71 20.87 -0.12 -8.49
C ASP A 71 20.20 0.36 -9.80
N THR A 72 20.42 1.64 -10.12
CA THR A 72 19.73 2.25 -11.25
C THR A 72 20.08 1.56 -12.57
N SER A 73 21.31 1.02 -12.68
CA SER A 73 21.71 0.40 -13.95
C SER A 73 20.99 -0.91 -14.21
N LYS A 74 20.55 -1.62 -13.17
CA LYS A 74 19.73 -2.81 -13.36
C LYS A 74 18.24 -2.52 -13.21
N ASN A 75 17.87 -1.28 -12.88
CA ASN A 75 16.48 -0.87 -12.63
C ASN A 75 15.84 -1.71 -11.53
N GLN A 76 16.54 -1.81 -10.41
CA GLN A 76 16.14 -2.61 -9.28
C GLN A 76 16.41 -1.81 -8.02
N PHE A 77 15.64 -2.11 -6.97
CA PHE A 77 15.98 -1.71 -5.62
C PHE A 77 15.73 -2.89 -4.70
N SER A 78 16.31 -2.83 -3.50
CA SER A 78 16.51 -4.01 -2.69
C SER A 78 16.22 -3.69 -1.24
N LEU A 79 15.88 -4.74 -0.49
CA LEU A 79 15.65 -4.67 0.93
C LEU A 79 16.53 -5.71 1.60
N LYS A 80 17.19 -5.32 2.68
CA LYS A 80 17.83 -6.24 3.60
C LYS A 80 17.31 -5.97 5.00
N LEU A 81 16.91 -7.04 5.68
CA LEU A 81 16.38 -7.03 7.04
C LEU A 81 17.20 -8.04 7.83
N SER A 82 17.99 -7.57 8.78
CA SER A 82 18.92 -8.44 9.48
C SER A 82 18.29 -8.99 10.75
N SER A 83 18.95 -10.01 11.32
CA SER A 83 18.54 -10.65 12.57
C SER A 83 17.03 -10.95 12.61
N VAL A 84 16.55 -11.67 11.60
CA VAL A 84 15.09 -11.87 11.50
C VAL A 84 14.61 -12.88 12.54
N THR A 85 13.37 -12.67 13.02
CA THR A 85 12.68 -13.62 13.88
C THR A 85 11.33 -13.97 13.26
N ALA A 86 10.58 -14.84 13.96
CA ALA A 86 9.27 -15.27 13.50
C ALA A 86 8.32 -14.09 13.31
N ALA A 87 8.55 -12.97 14.00
CA ALA A 87 7.72 -11.80 13.80
C ALA A 87 7.97 -11.12 12.44
N ASP A 88 8.95 -11.58 11.66
CA ASP A 88 9.19 -11.04 10.33
C ASP A 88 8.58 -11.91 9.24
N THR A 89 7.97 -13.03 9.59
CA THR A 89 7.21 -13.81 8.62
C THR A 89 6.08 -12.94 8.08
N ALA A 90 6.07 -12.68 6.77
CA ALA A 90 5.11 -11.74 6.21
C ALA A 90 5.08 -11.92 4.70
N VAL A 91 4.03 -11.40 4.08
CA VAL A 91 4.10 -11.08 2.65
C VAL A 91 4.72 -9.69 2.53
N TYR A 92 5.74 -9.58 1.69
CA TYR A 92 6.51 -8.37 1.46
C TYR A 92 6.17 -7.83 0.08
N TYR A 93 5.85 -6.52 0.00
CA TYR A 93 5.50 -5.85 -1.24
C TYR A 93 6.48 -4.72 -1.51
N CYS A 94 6.87 -4.56 -2.77
CA CYS A 94 7.54 -3.33 -3.18
C CYS A 94 6.52 -2.43 -3.86
N ALA A 95 6.74 -1.13 -3.77
CA ALA A 95 5.75 -0.20 -4.28
C ALA A 95 6.44 1.06 -4.78
N ARG A 96 5.71 1.78 -5.64
CA ARG A 96 6.13 3.03 -6.23
C ARG A 96 5.15 4.14 -5.82
N GLY A 97 5.66 5.36 -5.83
CA GLY A 97 4.85 6.56 -5.69
C GLY A 97 5.67 7.73 -6.18
N PHE A 98 5.08 8.92 -6.06
CA PHE A 98 5.73 10.15 -6.47
C PHE A 98 5.00 11.33 -5.81
N TRP A 99 5.70 12.45 -5.69
CA TRP A 99 5.08 13.64 -5.13
C TRP A 99 3.98 14.13 -6.07
N GLY A 100 2.84 14.53 -5.48
CA GLY A 100 1.60 14.71 -6.22
C GLY A 100 0.67 13.51 -6.20
N LEU A 101 1.18 12.35 -5.86
CA LEU A 101 0.39 11.17 -5.61
C LEU A 101 0.43 11.01 -4.08
N ASP A 102 1.61 10.92 -3.51
CA ASP A 102 1.81 11.04 -2.08
C ASP A 102 1.37 9.79 -1.33
N GLY A 103 1.07 8.72 -2.06
CA GLY A 103 0.80 7.41 -1.51
C GLY A 103 1.52 6.43 -2.39
N PHE A 104 0.92 5.29 -2.71
CA PHE A 104 1.63 4.25 -3.46
C PHE A 104 0.73 3.71 -4.54
N ASP A 105 1.08 3.98 -5.82
CA ASP A 105 0.13 3.69 -6.88
CA ASP A 105 0.19 3.74 -6.96
C ASP A 105 0.38 2.39 -7.61
N ILE A 106 1.61 1.89 -7.69
CA ILE A 106 1.88 0.59 -8.31
C ILE A 106 2.58 -0.28 -7.29
N TRP A 107 2.07 -1.50 -7.12
CA TRP A 107 2.58 -2.43 -6.13
C TRP A 107 2.99 -3.70 -6.83
N GLY A 108 4.03 -4.36 -6.31
CA GLY A 108 4.33 -5.70 -6.75
C GLY A 108 3.23 -6.68 -6.33
N GLN A 109 3.38 -7.92 -6.75
CA GLN A 109 2.36 -8.89 -6.38
C GLN A 109 2.56 -9.43 -4.97
N GLY A 110 3.69 -9.14 -4.34
CA GLY A 110 3.98 -9.68 -3.02
C GLY A 110 4.75 -10.98 -3.10
N THR A 111 5.66 -11.17 -2.14
CA THR A 111 6.33 -12.45 -2.02
C THR A 111 6.34 -12.87 -0.56
N THR A 112 5.99 -14.14 -0.34
CA THR A 112 5.91 -14.69 1.01
C THR A 112 7.29 -15.07 1.51
N VAL A 113 7.63 -14.60 2.69
CA VAL A 113 8.85 -15.04 3.35
C VAL A 113 8.46 -15.58 4.70
N THR A 114 8.99 -16.75 5.02
CA THR A 114 8.73 -17.42 6.28
C THR A 114 10.06 -17.55 7.00
N VAL A 115 10.08 -17.17 8.27
CA VAL A 115 11.27 -17.29 9.10
C VAL A 115 11.15 -18.59 9.90
N SER A 116 12.07 -19.53 9.67
CA SER A 116 11.97 -20.88 10.24
C SER A 116 13.26 -21.64 9.97
N SER A 117 13.54 -22.61 10.84
CA SER A 117 14.64 -23.55 10.63
C SER A 117 14.20 -24.81 9.88
N ALA A 118 12.89 -25.04 9.72
CA ALA A 118 12.41 -26.23 9.05
C ALA A 118 12.75 -26.20 7.56
N SER A 119 12.66 -27.37 6.93
CA SER A 119 12.95 -27.52 5.51
C SER A 119 11.66 -27.50 4.69
N THR A 120 11.80 -27.14 3.42
CA THR A 120 10.68 -27.20 2.49
C THR A 120 10.14 -28.63 2.41
N LYS A 121 8.83 -28.74 2.18
CA LYS A 121 8.20 -30.05 2.07
C LYS A 121 6.95 -29.95 1.19
N GLY A 122 6.80 -30.90 0.28
CA GLY A 122 5.70 -30.84 -0.67
C GLY A 122 4.43 -31.46 -0.15
N PRO A 123 3.30 -31.04 -0.71
CA PRO A 123 2.00 -31.53 -0.24
C PRO A 123 1.68 -32.92 -0.77
N SER A 124 0.85 -33.61 -0.02
CA SER A 124 0.16 -34.80 -0.49
C SER A 124 -1.26 -34.41 -0.83
N VAL A 125 -1.76 -34.88 -1.97
CA VAL A 125 -3.09 -34.52 -2.45
C VAL A 125 -3.98 -35.75 -2.45
N PHE A 126 -5.04 -35.72 -1.63
CA PHE A 126 -6.04 -36.77 -1.49
C PHE A 126 -7.41 -36.30 -1.99
N PRO A 127 -8.24 -37.21 -2.51
CA PRO A 127 -9.55 -36.82 -3.03
C PRO A 127 -10.59 -36.65 -1.92
N LEU A 128 -11.55 -35.76 -2.18
CA LEU A 128 -12.79 -35.64 -1.42
C LEU A 128 -13.89 -36.06 -2.38
N ALA A 129 -14.30 -37.32 -2.29
CA ALA A 129 -15.06 -38.00 -3.33
C ALA A 129 -16.54 -37.66 -3.23
N PRO A 130 -17.17 -37.36 -4.35
CA PRO A 130 -18.62 -37.14 -4.39
C PRO A 130 -19.37 -38.47 -4.36
N SER A 131 -20.69 -38.36 -4.48
CA SER A 131 -21.62 -39.50 -4.54
C SER A 131 -23.04 -38.98 -4.70
N SER A 132 -24.04 -39.86 -4.64
CA SER A 132 -25.42 -39.41 -4.53
C SER A 132 -25.79 -39.24 -3.05
N LYS A 133 -25.01 -38.35 -2.43
CA LYS A 133 -25.22 -37.78 -1.10
C LYS A 133 -25.44 -36.30 -1.37
N SER A 134 -26.72 -35.88 -1.35
CA SER A 134 -27.13 -34.63 -1.96
C SER A 134 -27.65 -33.63 -0.92
N THR A 135 -27.20 -32.37 -1.02
CA THR A 135 -27.66 -31.30 -0.14
C THR A 135 -27.90 -30.04 -0.97
N SER A 136 -29.17 -29.70 -1.17
CA SER A 136 -29.63 -28.43 -1.75
C SER A 136 -29.59 -28.42 -3.28
N GLY A 137 -30.01 -29.51 -3.89
CA GLY A 137 -30.20 -29.52 -5.31
C GLY A 137 -29.00 -29.51 -6.15
N GLY A 138 -28.23 -28.45 -6.07
CA GLY A 138 -27.02 -28.43 -6.86
C GLY A 138 -26.06 -29.28 -6.07
N THR A 139 -26.64 -30.37 -5.63
CA THR A 139 -25.97 -31.39 -4.86
C THR A 139 -24.78 -31.92 -5.57
N ALA A 140 -23.99 -32.59 -4.79
CA ALA A 140 -22.81 -33.30 -5.10
C ALA A 140 -21.73 -32.29 -4.87
N ALA A 141 -20.80 -32.63 -4.02
CA ALA A 141 -19.65 -31.85 -3.80
C ALA A 141 -18.46 -32.75 -3.85
N LEU A 142 -17.37 -32.18 -4.27
CA LEU A 142 -16.14 -32.94 -4.32
C LEU A 142 -15.02 -31.95 -4.11
N GLY A 143 -13.83 -32.47 -3.91
CA GLY A 143 -12.69 -31.60 -3.76
C GLY A 143 -11.41 -32.39 -3.69
N CYS A 144 -10.37 -31.74 -3.17
CA CYS A 144 -9.19 -32.48 -2.80
C CYS A 144 -8.58 -31.81 -1.59
N LEU A 145 -7.96 -32.63 -0.77
CA LEU A 145 -7.31 -32.19 0.45
C LEU A 145 -5.80 -32.12 0.20
N VAL A 146 -5.25 -30.93 0.34
CA VAL A 146 -3.83 -30.65 0.13
C VAL A 146 -3.19 -30.55 1.51
N LYS A 147 -2.41 -31.57 1.90
CA LYS A 147 -2.00 -31.76 3.28
C LYS A 147 -0.48 -31.79 3.43
N ASP A 148 0.01 -31.17 4.51
CA ASP A 148 1.38 -31.34 5.00
C ASP A 148 2.43 -30.77 4.04
N TYR A 149 2.32 -29.49 3.75
CA TYR A 149 3.32 -28.79 2.98
C TYR A 149 3.90 -27.64 3.78
N PHE A 150 5.04 -27.16 3.32
CA PHE A 150 5.77 -26.09 3.99
C PHE A 150 6.81 -25.54 3.02
N PRO A 151 7.01 -24.22 2.96
CA PRO A 151 6.15 -23.23 3.61
C PRO A 151 4.98 -22.90 2.70
N GLU A 152 4.31 -21.78 2.99
CA GLU A 152 3.31 -21.23 2.10
C GLU A 152 3.99 -20.61 0.87
N PRO A 153 3.26 -20.48 -0.24
CA PRO A 153 1.86 -20.87 -0.50
C PRO A 153 1.69 -22.06 -1.45
N VAL A 154 0.47 -22.60 -1.57
CA VAL A 154 0.10 -23.50 -2.66
C VAL A 154 -1.01 -22.84 -3.45
N THR A 155 -1.09 -23.19 -4.73
CA THR A 155 -2.17 -22.78 -5.60
C THR A 155 -2.96 -24.02 -6.03
N VAL A 156 -4.25 -23.82 -6.27
CA VAL A 156 -5.13 -24.89 -6.70
C VAL A 156 -6.03 -24.32 -7.78
N SER A 157 -6.16 -25.05 -8.88
CA SER A 157 -7.12 -24.79 -9.93
C SER A 157 -7.88 -26.08 -10.17
N TRP A 158 -8.94 -26.01 -10.98
CA TRP A 158 -9.67 -27.19 -11.38
C TRP A 158 -9.72 -27.23 -12.89
N ASN A 159 -9.43 -28.40 -13.47
CA ASN A 159 -9.42 -28.60 -14.91
C ASN A 159 -8.66 -27.46 -15.60
N SER A 160 -7.48 -27.15 -15.05
CA SER A 160 -6.53 -26.22 -15.66
C SER A 160 -7.12 -24.82 -15.81
N GLY A 161 -7.97 -24.43 -14.87
CA GLY A 161 -8.57 -23.11 -14.85
C GLY A 161 -9.86 -22.99 -15.62
N ALA A 162 -10.33 -24.10 -16.21
CA ALA A 162 -11.55 -24.05 -17.00
C ALA A 162 -12.80 -24.10 -16.12
N LEU A 163 -12.72 -24.76 -14.96
CA LEU A 163 -13.82 -24.86 -14.00
C LEU A 163 -13.52 -23.89 -12.85
N THR A 164 -14.26 -22.78 -12.79
CA THR A 164 -14.16 -21.85 -11.66
C THR A 164 -15.49 -21.58 -10.96
N SER A 165 -16.61 -21.96 -11.56
CA SER A 165 -17.93 -21.75 -10.98
C SER A 165 -18.22 -22.77 -9.87
N GLY A 166 -18.54 -22.26 -8.67
CA GLY A 166 -18.77 -23.10 -7.53
C GLY A 166 -17.52 -23.62 -6.82
N VAL A 167 -16.32 -23.16 -7.16
CA VAL A 167 -15.12 -23.67 -6.49
C VAL A 167 -14.77 -22.78 -5.31
N HIS A 168 -14.49 -23.41 -4.18
CA HIS A 168 -13.96 -22.69 -3.03
C HIS A 168 -12.64 -23.31 -2.60
N THR A 169 -11.60 -22.47 -2.52
CA THR A 169 -10.31 -22.87 -1.96
C THR A 169 -10.16 -22.20 -0.60
N PHE A 170 -10.07 -23.00 0.45
CA PHE A 170 -10.02 -22.46 1.81
C PHE A 170 -8.63 -21.94 2.17
N PRO A 171 -8.55 -20.94 3.03
CA PRO A 171 -7.25 -20.53 3.58
C PRO A 171 -6.57 -21.70 4.29
N ALA A 172 -5.26 -21.80 4.12
CA ALA A 172 -4.49 -22.83 4.83
C ALA A 172 -4.60 -22.61 6.34
N VAL A 173 -4.57 -23.72 7.08
CA VAL A 173 -4.35 -23.73 8.52
C VAL A 173 -2.99 -24.36 8.79
N LEU A 174 -2.28 -23.84 9.79
CA LEU A 174 -1.06 -24.43 10.29
C LEU A 174 -1.41 -25.38 11.42
N GLN A 175 -1.04 -26.66 11.31
CA GLN A 175 -1.39 -27.63 12.33
C GLN A 175 -0.22 -27.86 13.28
N SER A 176 -0.50 -28.58 14.38
CA SER A 176 0.45 -28.70 15.49
C SER A 176 1.80 -29.29 15.06
N SER A 177 1.87 -29.96 13.91
CA SER A 177 3.14 -30.43 13.37
C SER A 177 3.98 -29.31 12.79
N GLY A 178 3.43 -28.12 12.64
CA GLY A 178 4.11 -27.03 11.94
C GLY A 178 4.02 -27.08 10.43
N LEU A 179 3.25 -28.01 9.86
CA LEU A 179 3.04 -28.10 8.42
C LEU A 179 1.66 -27.54 8.07
N TYR A 180 1.51 -27.06 6.84
CA TYR A 180 0.24 -26.49 6.42
C TYR A 180 -0.67 -27.54 5.79
N SER A 181 -1.97 -27.26 5.85
CA SER A 181 -2.96 -28.05 5.13
C SER A 181 -4.12 -27.17 4.70
N LEU A 182 -4.72 -27.49 3.54
CA LEU A 182 -5.92 -26.81 3.08
C LEU A 182 -6.75 -27.75 2.21
N SER A 183 -7.95 -27.29 1.87
CA SER A 183 -8.80 -28.02 0.95
C SER A 183 -9.42 -27.07 -0.05
N SER A 184 -9.67 -27.59 -1.25
CA SER A 184 -10.41 -26.92 -2.31
C SER A 184 -11.59 -27.81 -2.68
N VAL A 185 -12.79 -27.22 -2.83
CA VAL A 185 -14.00 -27.98 -3.12
C VAL A 185 -14.79 -27.32 -4.24
N VAL A 186 -15.61 -28.13 -4.89
CA VAL A 186 -16.50 -27.70 -5.98
C VAL A 186 -17.84 -28.38 -5.81
N THR A 187 -18.92 -27.65 -6.08
CA THR A 187 -20.26 -28.22 -6.18
C THR A 187 -20.55 -28.49 -7.65
N VAL A 188 -21.05 -29.68 -7.95
CA VAL A 188 -21.16 -30.16 -9.32
C VAL A 188 -22.50 -30.84 -9.49
N PRO A 189 -22.97 -31.01 -10.73
CA PRO A 189 -24.25 -31.73 -10.95
C PRO A 189 -24.11 -33.19 -10.53
N SER A 190 -25.09 -33.67 -9.77
CA SER A 190 -25.07 -35.06 -9.29
C SER A 190 -25.28 -36.04 -10.43
N SER A 191 -26.11 -35.68 -11.41
CA SER A 191 -26.49 -36.61 -12.47
C SER A 191 -25.35 -36.93 -13.42
N SER A 192 -24.28 -36.13 -13.45
CA SER A 192 -23.21 -36.32 -14.42
C SER A 192 -21.89 -36.68 -13.77
N LEU A 193 -21.92 -37.26 -12.57
CA LEU A 193 -20.67 -37.67 -11.91
C LEU A 193 -19.97 -38.75 -12.72
N GLY A 194 -20.74 -39.65 -13.33
CA GLY A 194 -20.13 -40.72 -14.10
C GLY A 194 -19.32 -40.23 -15.28
N THR A 195 -19.84 -39.22 -15.99
CA THR A 195 -19.29 -38.80 -17.28
C THR A 195 -18.35 -37.60 -17.21
N GLN A 196 -18.60 -36.62 -16.35
CA GLN A 196 -17.70 -35.47 -16.25
C GLN A 196 -16.43 -35.85 -15.50
N THR A 197 -15.30 -35.31 -15.93
CA THR A 197 -14.03 -35.53 -15.25
C THR A 197 -13.63 -34.27 -14.51
N TYR A 198 -13.24 -34.42 -13.24
CA TYR A 198 -12.84 -33.31 -12.40
C TYR A 198 -11.44 -33.57 -11.91
N ILE A 199 -10.52 -32.67 -12.26
CA ILE A 199 -9.11 -32.80 -11.92
C ILE A 199 -8.66 -31.52 -11.21
N CYS A 200 -8.11 -31.67 -10.01
CA CYS A 200 -7.58 -30.53 -9.26
C CYS A 200 -6.07 -30.44 -9.44
N ASN A 201 -5.60 -29.24 -9.77
CA ASN A 201 -4.21 -28.97 -10.11
C ASN A 201 -3.56 -28.24 -8.96
N VAL A 202 -2.69 -28.94 -8.23
CA VAL A 202 -2.02 -28.40 -7.06
C VAL A 202 -0.60 -28.01 -7.44
N ASN A 203 -0.17 -26.84 -6.99
CA ASN A 203 1.14 -26.31 -7.35
C ASN A 203 1.78 -25.73 -6.10
N HIS A 204 2.98 -26.22 -5.73
CA HIS A 204 3.72 -25.81 -4.53
C HIS A 204 5.14 -25.47 -4.98
N LYS A 205 5.29 -24.26 -5.50
CA LYS A 205 6.57 -23.81 -6.05
C LYS A 205 7.76 -23.92 -5.10
N PRO A 206 7.65 -23.66 -3.79
CA PRO A 206 8.85 -23.77 -2.95
C PRO A 206 9.46 -25.17 -2.91
N SER A 207 8.70 -26.22 -3.20
CA SER A 207 9.26 -27.57 -3.30
C SER A 207 9.24 -28.09 -4.74
N ASN A 208 8.84 -27.24 -5.68
CA ASN A 208 8.66 -27.61 -7.09
C ASN A 208 7.76 -28.84 -7.27
N THR A 209 6.71 -28.93 -6.45
CA THR A 209 5.69 -29.95 -6.57
C THR A 209 4.55 -29.45 -7.46
N LYS A 210 4.02 -30.33 -8.30
CA LYS A 210 2.96 -29.97 -9.24
C LYS A 210 2.25 -31.29 -9.56
N VAL A 211 1.12 -31.51 -8.91
CA VAL A 211 0.40 -32.77 -8.97
C VAL A 211 -1.05 -32.49 -9.35
N ASP A 212 -1.54 -33.22 -10.36
CA ASP A 212 -2.94 -33.30 -10.72
C ASP A 212 -3.55 -34.53 -10.08
N LYS A 213 -4.81 -34.43 -9.68
CA LYS A 213 -5.53 -35.55 -9.10
C LYS A 213 -6.95 -35.58 -9.67
N LYS A 214 -7.32 -36.69 -10.30
CA LYS A 214 -8.70 -36.87 -10.69
C LYS A 214 -9.53 -37.28 -9.48
N VAL A 215 -10.68 -36.65 -9.31
CA VAL A 215 -11.59 -36.92 -8.20
C VAL A 215 -12.87 -37.48 -8.79
N GLU A 216 -13.26 -38.66 -8.33
CA GLU A 216 -14.39 -39.36 -8.91
C GLU A 216 -15.15 -40.12 -7.83
N PRO A 217 -16.39 -40.50 -8.09
CA PRO A 217 -17.26 -41.03 -7.04
C PRO A 217 -16.96 -42.46 -6.60
N LYS A 218 -15.86 -43.07 -7.02
CA LYS A 218 -15.48 -44.42 -6.59
C LYS A 218 -16.63 -45.43 -6.67
N SER A 219 -16.55 -46.52 -5.91
CA SER A 219 -17.63 -47.52 -5.84
C SER A 219 -17.63 -48.22 -4.50
CA ALA B 1 2.22 4.12 14.85
C ALA B 1 1.19 3.54 13.87
N VAL B 2 -0.02 3.27 14.34
CA VAL B 2 -1.09 2.73 13.51
C VAL B 2 -2.30 3.66 13.63
N LEU B 3 -2.83 4.12 12.49
CA LEU B 3 -4.04 4.95 12.51
C LEU B 3 -5.24 4.10 12.94
N THR B 4 -6.23 4.74 13.55
CA THR B 4 -7.38 4.05 14.14
C THR B 4 -8.54 4.00 13.15
N GLN B 5 -8.95 2.79 12.76
CA GLN B 5 -10.03 2.44 11.85
C GLN B 5 -10.93 1.43 12.55
N PRO B 6 -12.23 1.45 12.30
CA PRO B 6 -13.07 0.38 12.85
C PRO B 6 -12.63 -0.96 12.27
N ALA B 7 -12.70 -2.03 13.08
CA ALA B 7 -12.31 -3.34 12.55
C ALA B 7 -13.25 -3.79 11.43
N SER B 8 -14.52 -3.42 11.49
CA SER B 8 -15.39 -3.78 10.38
C SER B 8 -16.56 -2.80 10.28
N VAL B 9 -17.13 -2.74 9.08
CA VAL B 9 -18.32 -1.95 8.81
C VAL B 9 -19.19 -2.84 7.94
N SER B 10 -20.47 -2.51 7.90
CA SER B 10 -21.45 -3.46 7.39
C SER B 10 -22.47 -2.64 6.64
N GLY B 11 -22.99 -3.21 5.55
CA GLY B 11 -23.97 -2.50 4.77
C GLY B 11 -24.73 -3.43 3.85
N SER B 12 -26.06 -3.03 3.51
CA SER B 12 -26.75 -3.79 2.47
C SER B 12 -26.41 -3.27 1.07
N PRO B 13 -26.43 -4.14 0.07
CA PRO B 13 -26.21 -3.69 -1.32
C PRO B 13 -27.08 -2.48 -1.63
N GLY B 14 -26.51 -1.51 -2.34
CA GLY B 14 -27.23 -0.32 -2.71
C GLY B 14 -27.06 0.86 -1.77
N GLN B 15 -26.78 0.65 -0.48
CA GLN B 15 -26.68 1.78 0.44
C GLN B 15 -25.27 2.40 0.45
N SER B 16 -25.14 3.55 1.12
CA SER B 16 -23.84 4.17 1.36
C SER B 16 -23.29 3.78 2.73
N ILE B 17 -21.98 3.49 2.78
CA ILE B 17 -21.28 3.25 4.04
C ILE B 17 -20.05 4.14 4.10
N THR B 18 -19.54 4.33 5.31
CA THR B 18 -18.41 5.21 5.56
C THR B 18 -17.42 4.55 6.52
N ILE B 19 -16.14 4.76 6.27
CA ILE B 19 -15.07 4.22 7.10
C ILE B 19 -14.23 5.39 7.58
N SER B 20 -13.98 5.44 8.88
CA SER B 20 -13.19 6.50 9.48
C SER B 20 -11.75 6.06 9.68
N CYS B 21 -10.88 7.06 9.80
CA CYS B 21 -9.46 6.82 9.99
C CYS B 21 -8.90 7.98 10.78
N THR B 22 -8.48 7.72 12.02
CA THR B 22 -8.11 8.78 12.95
C THR B 22 -6.62 8.71 13.27
N GLY B 23 -5.92 9.83 13.07
CA GLY B 23 -4.52 9.96 13.41
C GLY B 23 -4.27 11.17 14.28
N THR B 24 -3.14 11.86 14.11
CA THR B 24 -2.90 13.06 14.89
C THR B 24 -2.46 14.21 14.00
N SER B 25 -1.92 15.26 14.64
CA SER B 25 -1.52 16.46 13.91
C SER B 25 -0.35 16.19 12.98
N SER B 26 0.50 15.25 13.34
CA SER B 26 1.73 15.01 12.61
C SER B 26 1.53 14.15 11.37
N ASP B 27 0.32 13.63 11.12
CA ASP B 27 0.07 12.91 9.87
C ASP B 27 -1.23 13.35 9.20
N VAL B 28 -2.36 12.78 9.63
CA VAL B 28 -3.65 13.08 9.01
C VAL B 28 -3.97 14.57 9.10
N GLY B 29 -3.72 15.18 10.25
CA GLY B 29 -4.09 16.57 10.46
C GLY B 29 -3.36 17.57 9.56
N ASP B 30 -2.02 17.59 9.61
CA ASP B 30 -1.26 18.65 8.96
C ASP B 30 -1.12 18.48 7.45
N TYR B 31 -1.16 17.26 6.91
CA TYR B 31 -0.93 17.01 5.49
C TYR B 31 -2.22 16.64 4.78
N ASN B 32 -2.20 16.74 3.47
CA ASN B 32 -3.27 16.25 2.64
C ASN B 32 -2.86 15.04 1.82
N TYR B 33 -2.16 14.12 2.48
CA TYR B 33 -1.63 12.99 1.78
C TYR B 33 -2.24 11.76 2.42
N VAL B 34 -3.57 11.67 2.49
CA VAL B 34 -4.16 10.40 2.91
C VAL B 34 -4.65 9.66 1.67
N SER B 35 -4.24 8.42 1.59
CA SER B 35 -4.63 7.45 0.59
C SER B 35 -5.51 6.38 1.21
N TRP B 36 -6.29 5.73 0.36
CA TRP B 36 -7.08 4.58 0.74
C TRP B 36 -6.83 3.44 -0.25
N TYR B 37 -6.56 2.27 0.29
CA TYR B 37 -6.27 1.06 -0.48
C TYR B 37 -7.34 0.02 -0.21
N GLN B 38 -7.70 -0.69 -1.28
CA GLN B 38 -8.61 -1.81 -1.21
C GLN B 38 -7.80 -3.08 -1.45
N GLN B 39 -7.99 -4.08 -0.61
CA GLN B 39 -7.22 -5.31 -0.73
C GLN B 39 -8.15 -6.51 -0.70
N HIS B 40 -8.13 -7.32 -1.77
CA HIS B 40 -8.70 -8.66 -1.62
C HIS B 40 -7.63 -9.63 -1.17
N PRO B 41 -7.97 -10.72 -0.49
CA PRO B 41 -6.91 -11.54 0.13
C PRO B 41 -6.09 -12.31 -0.91
N GLY B 42 -4.80 -12.47 -0.63
CA GLY B 42 -3.90 -13.04 -1.60
C GLY B 42 -3.43 -12.11 -2.71
N LYS B 43 -3.97 -10.90 -2.80
CA LYS B 43 -3.56 -9.92 -3.80
C LYS B 43 -2.95 -8.70 -3.13
N ALA B 44 -2.25 -7.91 -3.93
CA ALA B 44 -1.73 -6.64 -3.46
C ALA B 44 -2.86 -5.63 -3.26
N PRO B 45 -2.70 -4.70 -2.31
CA PRO B 45 -3.65 -3.59 -2.20
C PRO B 45 -3.68 -2.75 -3.47
N THR B 46 -4.81 -2.13 -3.73
CA THR B 46 -5.03 -1.27 -4.89
C THR B 46 -5.38 0.14 -4.43
N LEU B 47 -4.65 1.12 -4.91
CA LEU B 47 -4.94 2.52 -4.57
C LEU B 47 -6.33 2.91 -5.05
N MET B 48 -7.20 3.31 -4.14
CA MET B 48 -8.53 3.77 -4.56
C MET B 48 -8.71 5.27 -4.44
N ILE B 49 -8.02 5.90 -3.50
CA ILE B 49 -8.13 7.34 -3.26
C ILE B 49 -6.75 7.86 -2.87
N TYR B 50 -6.40 9.05 -3.35
CA TYR B 50 -5.15 9.70 -2.93
C TYR B 50 -5.40 11.20 -2.76
N ASP B 51 -4.44 11.88 -2.12
CA ASP B 51 -4.59 13.28 -1.70
C ASP B 51 -5.98 13.55 -1.11
N VAL B 52 -6.37 12.71 -0.16
CA VAL B 52 -7.64 12.83 0.59
C VAL B 52 -8.86 12.51 -0.26
N ASN B 53 -8.96 13.02 -1.50
CA ASN B 53 -10.21 12.89 -2.26
C ASN B 53 -10.08 12.68 -3.77
N LYS B 54 -8.90 12.34 -4.30
CA LYS B 54 -8.74 12.19 -5.74
C LYS B 54 -8.84 10.72 -6.14
N ARG B 55 -9.44 10.48 -7.25
CA ARG B 55 -9.66 9.14 -7.77
C ARG B 55 -8.67 8.82 -8.89
N PRO B 56 -8.00 7.66 -8.87
CA PRO B 56 -7.11 7.30 -9.99
C PRO B 56 -7.86 6.95 -11.28
N SER B 57 -9.11 6.49 -11.21
CA SER B 57 -9.80 6.02 -12.41
C SER B 57 -11.28 5.80 -12.09
N GLY B 58 -11.99 5.30 -13.11
CA GLY B 58 -13.42 5.06 -13.00
C GLY B 58 -13.80 3.98 -12.00
N ASP B 59 -12.88 3.06 -11.69
CA ASP B 59 -13.15 2.09 -10.62
C ASP B 59 -13.49 2.76 -9.29
N SER B 60 -13.07 4.01 -9.11
CA SER B 60 -13.33 4.74 -7.87
C SER B 60 -14.54 5.65 -7.96
N ASN B 61 -15.32 5.57 -9.05
CA ASN B 61 -16.47 6.46 -9.20
C ASN B 61 -17.35 6.50 -7.95
N ARG B 62 -17.67 5.34 -7.36
CA ARG B 62 -18.53 5.29 -6.18
C ARG B 62 -17.78 5.60 -4.88
N PHE B 63 -16.47 5.76 -4.93
CA PHE B 63 -15.68 6.02 -3.74
C PHE B 63 -15.46 7.51 -3.56
N SER B 64 -15.54 7.97 -2.33
CA SER B 64 -15.32 9.40 -2.10
C SER B 64 -14.65 9.62 -0.74
N GLY B 65 -13.58 10.39 -0.73
CA GLY B 65 -12.81 10.64 0.49
C GLY B 65 -13.03 12.05 0.99
N SER B 66 -12.86 12.23 2.30
CA SER B 66 -12.85 13.57 2.89
C SER B 66 -12.01 13.53 4.16
N LYS B 67 -11.85 14.70 4.78
CA LYS B 67 -11.02 14.83 5.97
C LYS B 67 -11.60 15.95 6.82
N SER B 68 -11.51 15.78 8.13
CA SER B 68 -12.02 16.78 9.06
C SER B 68 -11.21 16.66 10.35
N GLY B 69 -10.42 17.67 10.67
CA GLY B 69 -9.57 17.55 11.82
C GLY B 69 -8.47 16.53 11.54
N ASN B 70 -8.32 15.59 12.47
CA ASN B 70 -7.37 14.48 12.36
C ASN B 70 -8.06 13.17 11.96
N THR B 71 -9.27 13.25 11.44
CA THR B 71 -10.06 12.07 11.11
C THR B 71 -10.38 12.14 9.62
N ALA B 72 -9.88 11.17 8.86
CA ALA B 72 -10.25 11.03 7.46
C ALA B 72 -11.39 10.03 7.33
N SER B 73 -12.14 10.16 6.22
CA SER B 73 -13.25 9.26 5.96
C SER B 73 -13.30 8.85 4.50
N LEU B 74 -13.76 7.61 4.27
CA LEU B 74 -14.02 7.05 2.96
C LEU B 74 -15.49 6.66 2.91
N THR B 75 -16.20 7.14 1.89
CA THR B 75 -17.61 6.78 1.68
C THR B 75 -17.73 6.00 0.38
N ILE B 76 -18.47 4.91 0.42
CA ILE B 76 -18.77 4.11 -0.76
C ILE B 76 -20.27 4.17 -0.97
N SER B 77 -20.70 4.73 -2.10
CA SER B 77 -22.11 4.80 -2.41
C SER B 77 -22.53 3.58 -3.24
N GLY B 78 -23.83 3.28 -3.23
CA GLY B 78 -24.36 2.17 -4.01
C GLY B 78 -23.54 0.89 -3.84
N LEU B 79 -23.34 0.50 -2.58
CA LEU B 79 -22.57 -0.68 -2.21
C LEU B 79 -22.87 -1.90 -3.10
N GLN B 80 -21.83 -2.53 -3.60
CA GLN B 80 -21.99 -3.73 -4.41
C GLN B 80 -21.32 -4.92 -3.75
N ALA B 81 -21.87 -6.11 -4.01
CA ALA B 81 -21.29 -7.34 -3.45
C ALA B 81 -19.77 -7.37 -3.61
N GLU B 82 -19.30 -6.99 -4.80
CA GLU B 82 -17.89 -7.00 -5.14
C GLU B 82 -17.05 -5.95 -4.38
N ASP B 83 -17.68 -5.04 -3.64
CA ASP B 83 -16.92 -4.11 -2.80
C ASP B 83 -16.32 -4.77 -1.56
N GLU B 84 -16.74 -6.00 -1.23
CA GLU B 84 -16.21 -6.75 -0.09
C GLU B 84 -14.68 -6.87 -0.17
N ALA B 85 -14.00 -6.42 0.88
CA ALA B 85 -12.55 -6.33 0.84
C ALA B 85 -12.11 -5.84 2.20
N ASP B 86 -10.79 -5.79 2.41
CA ASP B 86 -10.20 -4.97 3.48
C ASP B 86 -9.82 -3.61 2.93
N TYR B 87 -10.12 -2.56 3.69
CA TYR B 87 -9.76 -1.18 3.35
C TYR B 87 -8.79 -0.61 4.37
N TYR B 88 -7.71 -0.02 3.86
CA TYR B 88 -6.66 0.57 4.69
C TYR B 88 -6.51 2.02 4.30
N CYS B 89 -6.46 2.91 5.30
CA CYS B 89 -5.98 4.26 5.09
C CYS B 89 -4.49 4.32 5.37
N SER B 90 -3.87 5.37 4.83
CA SER B 90 -2.46 5.61 4.97
C SER B 90 -2.27 7.12 5.01
N SER B 91 -1.22 7.58 5.70
CA SER B 91 -0.89 8.99 5.71
C SER B 91 0.62 9.18 5.75
N TYR B 92 1.09 10.17 4.98
CA TYR B 92 2.42 10.71 5.17
C TYR B 92 2.51 11.35 6.57
N THR B 93 3.70 11.32 7.17
CA THR B 93 3.89 11.89 8.50
C THR B 93 5.04 12.90 8.49
N SER B 94 5.12 13.69 9.57
CA SER B 94 6.15 14.73 9.64
C SER B 94 7.54 14.16 9.91
N SER B 95 7.66 12.86 10.07
CA SER B 95 8.96 12.23 10.22
C SER B 95 9.52 11.73 8.90
N ASN B 96 8.89 12.11 7.77
CA ASN B 96 9.25 11.60 6.44
C ASN B 96 9.02 10.08 6.39
N THR B 97 7.94 9.63 7.01
CA THR B 97 7.50 8.23 6.95
C THR B 97 6.06 8.18 6.46
N TRP B 98 5.58 6.96 6.22
CA TRP B 98 4.15 6.70 6.06
C TRP B 98 3.68 5.75 7.16
N VAL B 99 2.43 5.91 7.57
CA VAL B 99 1.78 5.00 8.51
C VAL B 99 0.49 4.49 7.89
N PHE B 100 0.10 3.27 8.24
CA PHE B 100 -1.17 2.73 7.84
C PHE B 100 -2.15 2.68 9.00
N GLY B 101 -3.43 2.68 8.68
CA GLY B 101 -4.42 2.27 9.66
C GLY B 101 -4.43 0.74 9.82
N GLY B 102 -5.20 0.30 10.82
CA GLY B 102 -5.29 -1.12 11.12
C GLY B 102 -6.12 -1.94 10.14
N GLY B 103 -6.89 -1.29 9.26
CA GLY B 103 -7.69 -2.04 8.29
C GLY B 103 -9.14 -2.28 8.71
N THR B 104 -10.05 -2.21 7.75
CA THR B 104 -11.49 -2.36 8.00
C THR B 104 -12.02 -3.40 7.04
N LYS B 105 -12.54 -4.51 7.57
CA LYS B 105 -13.21 -5.50 6.75
C LYS B 105 -14.62 -5.02 6.45
N LEU B 106 -14.95 -4.89 5.17
CA LEU B 106 -16.26 -4.42 4.78
C LEU B 106 -17.15 -5.65 4.54
N GLU B 107 -18.24 -5.75 5.30
CA GLU B 107 -19.15 -6.89 5.22
C GLU B 107 -20.42 -6.49 4.47
N ILE B 108 -20.91 -7.37 3.61
CA ILE B 108 -22.12 -7.16 2.83
C ILE B 108 -23.27 -7.87 3.53
N LYS B 109 -24.28 -7.11 3.91
CA LYS B 109 -25.43 -7.64 4.65
C LYS B 109 -26.48 -8.10 3.65
N ARG B 110 -26.64 -9.41 3.50
CA ARG B 110 -27.59 -9.97 2.54
C ARG B 110 -28.62 -10.80 3.30
N THR B 111 -29.54 -11.42 2.56
CA THR B 111 -30.57 -12.24 3.19
C THR B 111 -29.94 -13.49 3.78
N VAL B 112 -30.74 -14.19 4.59
CA VAL B 112 -30.28 -15.45 5.17
C VAL B 112 -30.18 -16.51 4.09
N ALA B 113 -29.21 -17.41 4.26
CA ALA B 113 -28.96 -18.48 3.30
C ALA B 113 -28.50 -19.68 4.09
N ALA B 114 -29.22 -20.80 3.92
CA ALA B 114 -28.92 -22.03 4.66
C ALA B 114 -27.71 -22.74 4.05
N PRO B 115 -26.85 -23.32 4.86
CA PRO B 115 -25.72 -24.08 4.29
C PRO B 115 -26.20 -25.35 3.60
N SER B 116 -25.45 -25.77 2.60
CA SER B 116 -25.47 -27.15 2.13
C SER B 116 -24.29 -27.86 2.77
N VAL B 117 -24.56 -29.02 3.35
CA VAL B 117 -23.63 -29.73 4.23
C VAL B 117 -23.22 -31.02 3.55
N PHE B 118 -21.91 -31.28 3.53
CA PHE B 118 -21.34 -32.49 2.96
C PHE B 118 -20.25 -33.01 3.88
N ILE B 119 -20.17 -34.34 3.99
CA ILE B 119 -19.18 -35.01 4.82
C ILE B 119 -18.39 -35.96 3.94
N PHE B 120 -17.07 -35.94 4.09
CA PHE B 120 -16.18 -36.75 3.29
C PHE B 120 -15.39 -37.69 4.18
N PRO B 121 -15.41 -38.98 3.94
CA PRO B 121 -14.57 -39.91 4.71
C PRO B 121 -13.14 -39.84 4.23
N PRO B 122 -12.17 -40.30 5.03
CA PRO B 122 -10.78 -40.31 4.55
C PRO B 122 -10.63 -41.25 3.37
N SER B 123 -9.77 -40.85 2.42
CA SER B 123 -9.52 -41.68 1.25
C SER B 123 -8.63 -42.86 1.61
N ASP B 124 -8.63 -43.86 0.72
CA ASP B 124 -7.80 -45.03 0.94
C ASP B 124 -6.32 -44.71 0.76
N GLU B 125 -6.00 -43.82 -0.18
CA GLU B 125 -4.62 -43.37 -0.34
C GLU B 125 -4.08 -42.81 0.97
N GLN B 126 -4.87 -42.01 1.70
CA GLN B 126 -4.35 -41.38 2.91
C GLN B 126 -4.25 -42.35 4.08
N LEU B 127 -5.14 -43.35 4.16
CA LEU B 127 -5.10 -44.26 5.30
C LEU B 127 -3.89 -45.18 5.24
N LYS B 128 -3.45 -45.49 4.03
CA LYS B 128 -2.19 -46.21 3.88
C LYS B 128 -1.01 -45.45 4.52
N SER B 129 -1.13 -44.15 4.69
CA SER B 129 -0.04 -43.36 5.25
C SER B 129 -0.07 -43.26 6.77
N GLY B 130 -1.15 -43.69 7.44
CA GLY B 130 -1.19 -43.73 8.89
C GLY B 130 -2.09 -42.71 9.58
N THR B 131 -2.65 -41.75 8.84
CA THR B 131 -3.56 -40.75 9.40
C THR B 131 -4.84 -40.69 8.57
N ALA B 132 -5.94 -40.35 9.25
CA ALA B 132 -7.26 -40.19 8.64
C ALA B 132 -7.76 -38.76 8.81
N SER B 133 -8.11 -38.11 7.71
CA SER B 133 -8.71 -36.78 7.73
C SER B 133 -10.16 -36.86 7.26
N VAL B 134 -11.08 -36.38 8.10
CA VAL B 134 -12.52 -36.42 7.83
C VAL B 134 -13.01 -34.97 7.71
N VAL B 135 -13.53 -34.61 6.55
CA VAL B 135 -13.85 -33.23 6.22
C VAL B 135 -15.36 -33.05 6.24
N CYS B 136 -15.78 -31.93 6.81
CA CYS B 136 -17.17 -31.49 6.76
C CYS B 136 -17.21 -30.15 6.06
N LEU B 137 -18.06 -30.04 5.04
CA LEU B 137 -18.17 -28.85 4.24
C LEU B 137 -19.55 -28.22 4.44
N LEU B 138 -19.56 -26.91 4.71
CA LEU B 138 -20.78 -26.10 4.80
C LEU B 138 -20.67 -25.06 3.71
N ASN B 139 -21.57 -25.11 2.74
CA ASN B 139 -21.39 -24.33 1.53
C ASN B 139 -22.45 -23.24 1.42
N ASN B 140 -21.99 -22.03 1.11
CA ASN B 140 -22.85 -20.93 0.68
C ASN B 140 -23.93 -20.62 1.71
N PHE B 141 -23.49 -20.19 2.89
CA PHE B 141 -24.44 -19.79 3.90
C PHE B 141 -24.23 -18.32 4.26
N TYR B 142 -25.21 -17.78 4.97
CA TYR B 142 -25.16 -16.43 5.48
C TYR B 142 -26.26 -16.33 6.52
N PRO B 143 -26.00 -15.68 7.68
CA PRO B 143 -24.76 -15.03 8.11
C PRO B 143 -23.62 -15.98 8.49
N ARG B 144 -22.52 -15.39 9.01
CA ARG B 144 -21.30 -16.12 9.27
C ARG B 144 -21.46 -17.13 10.41
N GLU B 145 -22.14 -16.76 11.48
CA GLU B 145 -22.17 -17.60 12.69
C GLU B 145 -22.73 -18.99 12.37
N ALA B 146 -21.98 -20.02 12.75
CA ALA B 146 -22.37 -21.40 12.47
C ALA B 146 -21.62 -22.33 13.42
N LYS B 147 -22.37 -23.23 14.06
CA LYS B 147 -21.79 -24.24 14.94
C LYS B 147 -21.68 -25.56 14.19
N VAL B 148 -20.47 -26.10 14.16
CA VAL B 148 -20.18 -27.43 13.64
C VAL B 148 -19.74 -28.31 14.81
N GLN B 149 -20.39 -29.45 15.00
CA GLN B 149 -20.02 -30.38 16.06
C GLN B 149 -19.75 -31.76 15.48
N TRP B 150 -18.62 -32.36 15.85
CA TRP B 150 -18.27 -33.72 15.46
C TRP B 150 -18.75 -34.74 16.49
N LYS B 151 -19.19 -35.90 16.00
CA LYS B 151 -19.63 -37.00 16.84
C LYS B 151 -19.18 -38.31 16.22
N VAL B 152 -18.36 -39.06 16.95
CA VAL B 152 -17.94 -40.39 16.53
C VAL B 152 -18.61 -41.41 17.42
N ASP B 153 -19.48 -42.22 16.83
CA ASP B 153 -20.38 -43.11 17.57
C ASP B 153 -21.03 -42.34 18.73
N ASN B 154 -21.56 -41.16 18.39
CA ASN B 154 -22.30 -40.25 19.24
C ASN B 154 -21.44 -39.58 20.31
N ALA B 155 -20.14 -39.86 20.37
CA ALA B 155 -19.27 -39.20 21.33
C ALA B 155 -18.86 -37.83 20.79
N LEU B 156 -19.23 -36.76 21.51
CA LEU B 156 -18.85 -35.41 21.09
C LEU B 156 -17.33 -35.29 21.06
N GLN B 157 -16.82 -34.52 20.09
CA GLN B 157 -15.38 -34.33 19.92
C GLN B 157 -14.95 -32.92 20.32
N SER B 158 -13.72 -32.82 20.82
CA SER B 158 -13.09 -31.55 21.13
C SER B 158 -11.58 -31.68 20.93
N GLY B 159 -10.96 -30.63 20.42
CA GLY B 159 -9.52 -30.58 20.32
C GLY B 159 -8.90 -31.40 19.21
N ASN B 160 -9.70 -32.10 18.40
CA ASN B 160 -9.17 -32.87 17.28
C ASN B 160 -9.68 -32.36 15.93
N SER B 161 -10.11 -31.10 15.88
CA SER B 161 -10.66 -30.53 14.66
C SER B 161 -10.19 -29.08 14.50
N GLN B 162 -10.00 -28.69 13.24
CA GLN B 162 -9.69 -27.32 12.84
C GLN B 162 -10.63 -26.92 11.71
N GLU B 163 -10.84 -25.61 11.56
CA GLU B 163 -11.66 -25.13 10.47
C GLU B 163 -11.13 -23.84 9.87
N SER B 164 -11.47 -23.63 8.60
CA SER B 164 -11.21 -22.36 7.94
C SER B 164 -12.47 -21.92 7.19
N VAL B 165 -12.55 -20.61 6.98
CA VAL B 165 -13.72 -19.97 6.39
C VAL B 165 -13.23 -19.19 5.18
N THR B 166 -13.99 -19.24 4.10
CA THR B 166 -13.66 -18.38 2.96
C THR B 166 -14.04 -16.94 3.26
N GLU B 167 -13.49 -16.04 2.46
CA GLU B 167 -13.98 -14.68 2.46
C GLU B 167 -15.36 -14.61 1.83
N GLN B 168 -16.07 -13.52 2.11
CA GLN B 168 -17.40 -13.35 1.56
C GLN B 168 -17.33 -13.43 0.05
N ASP B 169 -18.23 -14.20 -0.54
CA ASP B 169 -18.12 -14.41 -1.98
C ASP B 169 -18.42 -13.11 -2.70
N SER B 170 -17.62 -12.80 -3.72
CA SER B 170 -17.74 -11.51 -4.38
C SER B 170 -19.02 -11.38 -5.20
N LYS B 171 -19.78 -12.45 -5.42
CA LYS B 171 -21.00 -12.30 -6.22
C LYS B 171 -22.29 -12.51 -5.44
N ASP B 172 -22.37 -13.48 -4.53
CA ASP B 172 -23.60 -13.67 -3.78
C ASP B 172 -23.44 -13.46 -2.27
N SER B 173 -22.25 -13.02 -1.82
CA SER B 173 -22.01 -12.55 -0.46
C SER B 173 -22.14 -13.63 0.60
N THR B 174 -22.03 -14.92 0.21
CA THR B 174 -22.09 -16.00 1.17
C THR B 174 -20.69 -16.39 1.65
N TYR B 175 -20.66 -17.27 2.63
CA TYR B 175 -19.47 -17.85 3.20
C TYR B 175 -19.53 -19.35 2.96
N SER B 176 -18.37 -19.98 2.92
CA SER B 176 -18.26 -21.42 3.01
C SER B 176 -17.29 -21.77 4.13
N LEU B 177 -17.46 -22.94 4.71
CA LEU B 177 -16.67 -23.33 5.87
C LEU B 177 -16.30 -24.79 5.76
N SER B 178 -15.05 -25.08 6.08
CA SER B 178 -14.52 -26.44 6.05
C SER B 178 -14.01 -26.79 7.43
N SER B 179 -14.60 -27.82 8.04
CA SER B 179 -14.13 -28.36 9.31
C SER B 179 -13.46 -29.70 9.07
N THR B 180 -12.21 -29.82 9.55
CA THR B 180 -11.41 -31.02 9.33
C THR B 180 -11.16 -31.70 10.68
N LEU B 181 -11.55 -32.97 10.78
CA LEU B 181 -11.30 -33.78 11.97
C LEU B 181 -10.18 -34.78 11.67
N THR B 182 -9.13 -34.74 12.48
CA THR B 182 -7.93 -35.55 12.27
C THR B 182 -7.80 -36.60 13.38
N LEU B 183 -7.67 -37.86 12.99
CA LEU B 183 -7.46 -38.98 13.91
C LEU B 183 -6.32 -39.86 13.41
N SER B 184 -5.73 -40.61 14.33
CA SER B 184 -4.81 -41.66 13.95
C SER B 184 -5.53 -42.75 13.18
N LYS B 185 -4.82 -43.39 12.25
CA LYS B 185 -5.40 -44.53 11.57
C LYS B 185 -5.86 -45.59 12.56
N ALA B 186 -5.17 -45.71 13.70
CA ALA B 186 -5.56 -46.68 14.71
C ALA B 186 -6.91 -46.32 15.32
N ASP B 187 -7.11 -45.05 15.67
CA ASP B 187 -8.36 -44.65 16.31
C ASP B 187 -9.51 -44.56 15.33
N TYR B 188 -9.20 -44.31 14.05
CA TYR B 188 -10.26 -44.23 13.05
C TYR B 188 -10.96 -45.57 12.90
N GLU B 189 -10.19 -46.65 12.80
CA GLU B 189 -10.76 -47.98 12.57
C GLU B 189 -11.41 -48.58 13.81
N LYS B 190 -11.29 -47.93 14.98
CA LYS B 190 -11.93 -48.40 16.20
C LYS B 190 -13.40 -48.03 16.28
N HIS B 191 -13.92 -47.21 15.37
CA HIS B 191 -15.27 -46.70 15.49
C HIS B 191 -16.02 -46.82 14.17
N LYS B 192 -17.34 -46.71 14.25
CA LYS B 192 -18.21 -46.84 13.08
C LYS B 192 -18.82 -45.51 12.68
N VAL B 193 -19.75 -44.96 13.44
CA VAL B 193 -20.53 -43.83 12.97
C VAL B 193 -19.69 -42.55 13.07
N TYR B 194 -19.52 -41.87 11.94
CA TYR B 194 -18.86 -40.58 11.86
C TYR B 194 -19.89 -39.55 11.39
N ALA B 195 -20.14 -38.52 12.21
CA ALA B 195 -21.23 -37.60 11.97
C ALA B 195 -20.79 -36.15 12.15
N CYS B 196 -21.37 -35.28 11.33
CA CYS B 196 -21.16 -33.83 11.39
C CYS B 196 -22.53 -33.19 11.54
N GLU B 197 -22.73 -32.48 12.64
CA GLU B 197 -24.00 -31.82 12.88
C GLU B 197 -23.80 -30.31 12.84
N VAL B 198 -24.66 -29.62 12.09
CA VAL B 198 -24.46 -28.21 11.77
C VAL B 198 -25.65 -27.43 12.31
N THR B 199 -25.36 -26.31 12.96
CA THR B 199 -26.42 -25.43 13.46
C THR B 199 -26.23 -24.05 12.84
N HIS B 200 -27.32 -23.48 12.31
CA HIS B 200 -27.28 -22.22 11.58
C HIS B 200 -28.67 -21.64 11.48
N GLN B 201 -28.76 -20.33 11.67
CA GLN B 201 -30.00 -19.55 11.56
C GLN B 201 -30.86 -19.91 10.34
N GLY B 202 -30.25 -20.33 9.24
CA GLY B 202 -31.01 -20.70 8.05
C GLY B 202 -31.65 -22.08 8.09
N LEU B 203 -31.34 -22.87 9.12
CA LEU B 203 -31.92 -24.18 9.33
C LEU B 203 -32.90 -24.11 10.51
N SER B 204 -34.11 -24.66 10.33
CA SER B 204 -35.03 -24.71 11.47
C SER B 204 -34.55 -25.66 12.56
N SER B 205 -33.89 -26.74 12.19
CA SER B 205 -33.36 -27.71 13.14
C SER B 205 -31.96 -28.09 12.69
N PRO B 206 -31.08 -28.49 13.61
CA PRO B 206 -29.72 -28.88 13.21
C PRO B 206 -29.73 -30.01 12.18
N VAL B 207 -28.84 -29.88 11.19
CA VAL B 207 -28.70 -30.87 10.12
C VAL B 207 -27.47 -31.73 10.41
N THR B 208 -27.64 -33.05 10.30
CA THR B 208 -26.57 -34.01 10.54
C THR B 208 -26.28 -34.77 9.26
N LYS B 209 -25.00 -34.88 8.92
CA LYS B 209 -24.53 -35.71 7.82
C LYS B 209 -23.56 -36.73 8.39
N SER B 210 -23.58 -37.95 7.86
CA SER B 210 -22.87 -39.03 8.50
C SER B 210 -22.53 -40.14 7.51
N PHE B 211 -21.57 -40.98 7.90
CA PHE B 211 -21.19 -42.17 7.14
C PHE B 211 -20.77 -43.27 8.13
N ASN B 212 -20.47 -44.44 7.59
CA ASN B 212 -20.37 -45.65 8.42
C ASN B 212 -18.97 -46.25 8.44
N ARG B 213 -18.47 -46.79 7.33
CA ARG B 213 -17.26 -47.62 7.41
C ARG B 213 -16.11 -46.86 8.05
N GLY B 214 -15.38 -47.55 8.92
CA GLY B 214 -14.20 -46.98 9.58
C GLY B 214 -13.68 -47.77 10.77
N LEU C 8 -0.94 45.66 -2.90
CA LEU C 8 -0.16 45.16 -1.77
C LEU C 8 0.39 46.31 -0.93
N ARG C 9 0.46 46.09 0.38
CA ARG C 9 0.92 47.14 1.28
C ARG C 9 2.39 47.46 1.00
N ASP C 10 3.31 46.80 1.71
CA ASP C 10 4.73 47.11 1.59
C ASP C 10 5.51 46.05 0.81
N CYS C 11 4.85 45.05 0.24
CA CYS C 11 5.55 43.98 -0.46
C CYS C 11 5.41 44.08 -1.97
N SER C 12 6.44 43.60 -2.66
CA SER C 12 6.40 43.46 -4.11
C SER C 12 5.58 42.24 -4.47
N VAL C 13 5.74 41.75 -5.70
CA VAL C 13 5.10 40.52 -6.11
C VAL C 13 5.97 39.31 -5.83
N ALA C 14 7.29 39.42 -6.10
CA ALA C 14 8.19 38.33 -5.78
C ALA C 14 8.17 38.01 -4.30
N GLY C 15 8.32 39.03 -3.45
CA GLY C 15 8.31 38.79 -2.01
C GLY C 15 6.99 38.21 -1.52
N TRP C 16 5.91 38.50 -2.23
CA TRP C 16 4.64 37.89 -1.89
C TRP C 16 4.59 36.43 -2.31
N LEU C 17 4.94 36.13 -3.56
CA LEU C 17 4.86 34.76 -4.06
C LEU C 17 5.85 33.86 -3.32
N LEU C 18 7.03 34.38 -2.97
CA LEU C 18 8.05 33.60 -2.29
C LEU C 18 7.78 33.41 -0.81
N GLY C 19 6.88 34.20 -0.23
CA GLY C 19 6.58 34.10 1.19
C GLY C 19 7.56 34.85 2.07
N ASN C 20 7.85 36.10 1.71
CA ASN C 20 8.72 36.91 2.54
C ASN C 20 8.08 37.07 3.92
N PRO C 21 8.79 36.75 5.01
CA PRO C 21 8.18 36.84 6.35
C PRO C 21 7.52 38.17 6.67
N MET C 22 8.00 39.27 6.06
CA MET C 22 7.38 40.56 6.27
C MET C 22 5.93 40.58 5.79
N CYS C 23 5.65 39.90 4.68
CA CYS C 23 4.34 39.90 4.06
C CYS C 23 3.48 38.81 4.67
N ASP C 24 2.21 39.13 4.89
CA ASP C 24 1.26 38.13 5.34
C ASP C 24 -0.02 38.36 4.54
N GLU C 25 0.03 37.93 3.29
CA GLU C 25 -1.08 37.96 2.34
C GLU C 25 -1.08 36.59 1.68
N PHE C 26 -2.01 35.72 2.09
CA PHE C 26 -1.88 34.29 1.78
C PHE C 26 -3.22 33.55 1.81
N ILE C 27 -3.20 32.31 2.32
CA ILE C 27 -4.31 31.34 2.30
C ILE C 27 -4.90 31.27 0.89
N ASN C 28 -6.21 31.51 0.79
CA ASN C 28 -6.97 31.57 -0.45
C ASN C 28 -7.25 33.03 -0.76
N VAL C 29 -6.21 33.84 -0.98
CA VAL C 29 -6.37 35.29 -0.95
C VAL C 29 -7.41 35.72 -1.97
N PRO C 30 -8.39 36.55 -1.60
CA PRO C 30 -9.62 36.65 -2.40
C PRO C 30 -9.37 37.04 -3.85
N GLU C 31 -10.19 36.48 -4.74
CA GLU C 31 -10.19 36.76 -6.17
C GLU C 31 -10.02 38.26 -6.40
N TRP C 32 -8.76 38.71 -6.43
CA TRP C 32 -8.48 40.14 -6.63
C TRP C 32 -8.85 40.54 -8.06
N SER C 33 -9.13 41.84 -8.24
CA SER C 33 -9.35 42.41 -9.56
C SER C 33 -8.13 43.22 -9.97
N TYR C 34 -7.06 42.47 -10.26
CA TYR C 34 -5.71 42.97 -10.52
C TYR C 34 -5.15 43.72 -9.31
N ILE C 35 -3.85 44.01 -9.35
CA ILE C 35 -3.00 44.23 -8.18
C ILE C 35 -2.37 45.60 -8.29
N VAL C 36 -2.38 46.37 -7.20
CA VAL C 36 -1.73 47.66 -7.16
C VAL C 36 -0.50 47.53 -6.27
N GLU C 37 0.67 47.59 -6.90
CA GLU C 37 1.96 47.43 -6.27
C GLU C 37 2.75 48.72 -6.42
N LYS C 38 3.27 49.22 -5.30
CA LYS C 38 4.14 50.38 -5.34
C LYS C 38 5.44 50.02 -6.08
N ALA C 39 5.94 50.98 -6.87
CA ALA C 39 7.21 50.89 -7.61
C ALA C 39 8.44 51.00 -6.72
N ASN C 40 8.27 51.21 -5.43
CA ASN C 40 9.44 51.24 -4.57
C ASN C 40 9.05 50.21 -3.56
N PRO C 41 9.02 48.96 -4.00
CA PRO C 41 8.53 47.85 -3.18
C PRO C 41 9.37 47.80 -1.91
N ALA C 42 8.74 48.08 -0.76
CA ALA C 42 9.48 48.22 0.49
C ALA C 42 10.39 47.02 0.72
N ASN C 43 9.79 45.84 0.88
CA ASN C 43 10.55 44.60 1.06
C ASN C 43 10.31 43.68 -0.14
N ASP C 44 11.35 43.55 -0.97
CA ASP C 44 11.39 42.60 -2.09
C ASP C 44 11.98 41.29 -1.62
N LEU C 45 13.16 40.90 -2.12
CA LEU C 45 13.81 39.66 -1.73
C LEU C 45 14.45 39.83 -0.35
N CYS C 46 14.63 38.71 0.36
CA CYS C 46 15.32 38.77 1.65
C CYS C 46 16.77 39.01 1.22
N TYR C 47 17.37 37.99 0.58
CA TYR C 47 18.72 38.13 0.04
C TYR C 47 18.76 39.09 -1.16
N PRO C 48 19.95 39.63 -1.50
CA PRO C 48 20.08 40.31 -2.81
C PRO C 48 20.15 39.33 -3.98
N GLY C 49 19.60 39.74 -5.12
CA GLY C 49 19.56 38.87 -6.29
C GLY C 49 18.51 39.36 -7.28
N ASN C 50 18.28 38.53 -8.31
CA ASN C 50 17.30 38.83 -9.35
C ASN C 50 16.20 37.78 -9.42
N PHE C 51 14.99 38.24 -9.75
CA PHE C 51 13.84 37.37 -9.99
C PHE C 51 13.63 37.27 -11.50
N ASN C 52 14.09 36.18 -12.10
CA ASN C 52 14.11 36.05 -13.55
C ASN C 52 12.71 36.18 -14.17
N ASP C 53 12.66 36.89 -15.30
CA ASP C 53 11.42 37.08 -16.06
C ASP C 53 10.29 37.61 -15.19
N TYR C 54 10.65 38.44 -14.20
CA TYR C 54 9.66 39.16 -13.40
C TYR C 54 8.63 39.81 -14.30
N GLU C 55 9.11 40.53 -15.31
CA GLU C 55 8.36 41.07 -16.45
C GLU C 55 7.18 40.22 -16.88
N GLU C 56 7.48 39.06 -17.47
CA GLU C 56 6.45 38.20 -18.04
C GLU C 56 5.51 37.65 -16.98
N LEU C 57 6.02 37.31 -15.79
CA LEU C 57 5.15 36.81 -14.73
C LEU C 57 4.13 37.88 -14.33
N LYS C 58 4.54 39.14 -14.32
CA LYS C 58 3.60 40.21 -14.01
C LYS C 58 2.49 40.29 -15.06
N HIS C 59 2.80 39.99 -16.33
CA HIS C 59 1.75 39.99 -17.33
C HIS C 59 0.79 38.81 -17.14
N LEU C 60 1.31 37.65 -16.72
CA LEU C 60 0.43 36.51 -16.50
C LEU C 60 -0.43 36.72 -15.25
N LEU C 61 0.14 37.33 -14.21
CA LEU C 61 -0.66 37.63 -13.03
C LEU C 61 -1.76 38.65 -13.31
N SER C 62 -1.68 39.34 -14.45
CA SER C 62 -2.75 40.23 -14.87
C SER C 62 -4.02 39.46 -15.20
N ARG C 63 -3.90 38.44 -16.06
CA ARG C 63 -5.04 37.62 -16.46
C ARG C 63 -5.43 36.59 -15.39
N ILE C 64 -4.77 36.58 -14.24
CA ILE C 64 -5.10 35.67 -13.14
C ILE C 64 -5.91 36.44 -12.10
N ASN C 65 -6.93 35.79 -11.56
CA ASN C 65 -7.82 36.42 -10.60
C ASN C 65 -7.75 35.82 -9.19
N HIS C 66 -7.53 34.51 -9.06
CA HIS C 66 -7.64 33.81 -7.78
C HIS C 66 -6.45 32.89 -7.57
N PHE C 67 -6.04 32.75 -6.32
CA PHE C 67 -4.91 31.93 -5.96
C PHE C 67 -5.28 30.95 -4.86
N GLU C 68 -4.79 29.72 -4.99
CA GLU C 68 -4.85 28.78 -3.88
C GLU C 68 -3.46 28.17 -3.69
N LYS C 69 -2.84 28.46 -2.54
CA LYS C 69 -1.56 27.87 -2.22
C LYS C 69 -1.75 26.39 -1.87
N ILE C 70 -0.87 25.54 -2.40
CA ILE C 70 -0.87 24.14 -2.00
C ILE C 70 0.55 23.66 -1.75
N GLN C 71 0.68 22.67 -0.86
CA GLN C 71 1.94 22.02 -0.59
C GLN C 71 2.20 20.94 -1.62
N ILE C 72 3.30 21.07 -2.37
CA ILE C 72 3.64 20.10 -3.40
C ILE C 72 4.80 19.19 -2.98
N ILE C 73 5.73 19.66 -2.14
CA ILE C 73 6.81 18.83 -1.64
C ILE C 73 6.96 19.16 -0.16
N PRO C 74 6.63 18.24 0.74
CA PRO C 74 6.73 18.56 2.17
C PRO C 74 8.17 18.86 2.57
N LYS C 75 8.33 19.89 3.39
CA LYS C 75 9.62 20.27 3.95
C LYS C 75 10.24 19.12 4.74
N SER C 76 9.42 18.27 5.36
CA SER C 76 9.95 17.13 6.11
C SER C 76 10.56 16.08 5.21
N SER C 77 10.31 16.11 3.90
CA SER C 77 10.86 15.06 3.05
C SER C 77 12.33 15.27 2.72
N TRP C 78 12.92 16.40 3.09
CA TRP C 78 14.36 16.61 2.93
C TRP C 78 15.11 16.11 4.17
N SER C 79 14.86 14.86 4.57
CA SER C 79 15.41 14.36 5.84
C SER C 79 16.91 14.09 5.78
N ASP C 80 17.52 14.08 4.59
CA ASP C 80 18.97 13.93 4.46
C ASP C 80 19.70 15.28 4.43
N HIS C 81 18.99 16.38 4.51
CA HIS C 81 19.59 17.70 4.50
C HIS C 81 19.15 18.43 5.74
N GLU C 82 19.73 19.60 5.99
CA GLU C 82 19.15 20.48 6.98
C GLU C 82 18.29 21.49 6.23
N ALA C 83 17.09 21.76 6.75
CA ALA C 83 16.06 22.54 6.06
C ALA C 83 15.61 23.79 6.81
N SER C 84 15.92 23.92 8.09
CA SER C 84 15.60 25.11 8.86
C SER C 84 16.84 25.84 9.39
N SER C 85 18.03 25.50 8.89
CA SER C 85 19.30 26.16 9.17
C SER C 85 19.55 27.34 8.21
N GLY C 86 19.13 27.19 6.95
CA GLY C 86 19.21 28.29 6.01
C GLY C 86 18.35 29.45 6.50
N VAL C 87 18.97 30.35 7.24
CA VAL C 87 18.32 31.55 7.75
C VAL C 87 19.33 32.67 7.60
N SER C 88 18.82 33.88 7.38
CA SER C 88 19.69 35.03 7.21
C SER C 88 19.04 36.28 7.76
N SER C 89 19.86 37.14 8.36
CA SER C 89 19.46 38.44 8.88
C SER C 89 18.89 39.35 7.81
N ALA C 90 19.03 38.93 6.57
CA ALA C 90 18.54 39.79 5.53
C ALA C 90 17.09 39.99 5.83
N CYS C 91 16.40 38.96 6.25
CA CYS C 91 15.02 39.19 6.59
C CYS C 91 14.52 38.55 7.86
N PRO C 92 14.36 39.35 8.89
CA PRO C 92 13.91 38.80 10.18
C PRO C 92 12.39 38.69 10.27
N TYR C 93 11.92 37.67 11.00
CA TYR C 93 10.47 37.57 11.27
C TYR C 93 10.10 38.45 12.46
N GLN C 94 10.64 38.14 13.64
CA GLN C 94 10.46 39.03 14.79
C GLN C 94 11.64 39.98 14.83
N GLY C 95 12.78 39.49 15.32
CA GLY C 95 14.07 40.13 15.14
C GLY C 95 15.03 39.02 14.78
N THR C 96 14.55 37.81 14.98
CA THR C 96 15.30 36.61 14.63
C THR C 96 15.47 36.51 13.12
N PRO C 97 16.66 36.14 12.63
CA PRO C 97 16.84 35.94 11.18
C PRO C 97 15.98 34.79 10.68
N SER C 98 15.25 35.03 9.59
CA SER C 98 14.33 34.05 9.04
C SER C 98 14.64 33.88 7.55
N PHE C 99 13.68 33.37 6.78
CA PHE C 99 13.84 33.14 5.35
C PHE C 99 12.44 33.11 4.73
N PHE C 100 12.37 32.87 3.42
CA PHE C 100 11.06 32.77 2.78
C PHE C 100 10.34 31.50 3.21
N ARG C 101 9.02 31.60 3.30
CA ARG C 101 8.20 30.48 3.73
C ARG C 101 7.96 29.48 2.61
N ASN C 102 7.63 29.95 1.41
CA ASN C 102 7.13 29.06 0.36
C ASN C 102 8.24 28.28 -0.34
N VAL C 103 9.50 28.51 0.03
CA VAL C 103 10.63 27.88 -0.63
C VAL C 103 11.68 27.57 0.45
N VAL C 104 12.47 26.51 0.23
CA VAL C 104 13.31 25.94 1.28
C VAL C 104 14.78 26.01 0.87
N TRP C 105 15.61 26.54 1.77
CA TRP C 105 17.06 26.64 1.57
C TRP C 105 17.69 25.40 2.18
N LEU C 106 18.14 24.48 1.34
CA LEU C 106 18.72 23.22 1.80
C LEU C 106 20.22 23.39 2.08
N ILE C 107 20.63 23.06 3.30
CA ILE C 107 22.01 23.08 3.73
C ILE C 107 22.46 21.63 3.92
N LYS C 108 23.77 21.41 3.86
CA LYS C 108 24.28 20.08 4.13
C LYS C 108 23.94 19.66 5.56
N LYS C 109 23.94 18.36 5.78
CA LYS C 109 23.68 17.82 7.10
C LYS C 109 24.90 17.00 7.47
N ASN C 110 25.67 17.49 8.44
CA ASN C 110 26.76 16.70 8.98
C ASN C 110 27.80 16.37 7.91
N ASN C 111 28.25 17.42 7.21
CA ASN C 111 29.34 17.39 6.23
C ASN C 111 29.04 16.48 5.03
N THR C 112 27.76 16.39 4.68
CA THR C 112 27.34 15.68 3.47
C THR C 112 26.13 16.39 2.87
N TYR C 113 26.09 16.45 1.54
CA TYR C 113 24.93 16.95 0.80
C TYR C 113 24.60 15.90 -0.25
N PRO C 114 23.68 14.99 0.06
CA PRO C 114 23.29 13.97 -0.92
C PRO C 114 22.59 14.61 -2.09
N THR C 115 22.72 13.94 -3.23
CA THR C 115 22.18 14.43 -4.48
C THR C 115 20.65 14.29 -4.56
N ILE C 116 19.97 15.45 -4.61
CA ILE C 116 18.53 15.52 -4.81
C ILE C 116 18.18 15.10 -6.24
N LYS C 117 17.10 14.29 -6.38
CA LYS C 117 16.68 13.77 -7.69
C LYS C 117 15.22 13.30 -7.55
N ARG C 118 14.29 14.20 -7.81
CA ARG C 118 12.96 14.11 -7.27
C ARG C 118 11.99 14.76 -8.24
N SER C 119 10.79 14.16 -8.40
CA SER C 119 9.75 14.67 -9.29
C SER C 119 8.49 15.08 -8.56
N TYR C 120 7.80 16.09 -9.09
CA TYR C 120 6.46 16.45 -8.67
C TYR C 120 5.53 16.45 -9.87
N ASN C 121 4.42 15.74 -9.77
CA ASN C 121 3.44 15.62 -10.86
C ASN C 121 2.21 16.45 -10.50
N ASN C 122 1.82 17.35 -11.40
CA ASN C 122 0.65 18.18 -11.10
C ASN C 122 -0.61 17.35 -11.32
N THR C 123 -1.11 16.76 -10.23
CA THR C 123 -2.34 15.96 -10.22
C THR C 123 -3.56 16.79 -9.88
N ASN C 124 -3.54 18.07 -10.14
CA ASN C 124 -4.70 18.92 -9.93
C ASN C 124 -5.30 19.27 -11.28
N GLN C 125 -6.51 19.83 -11.22
CA GLN C 125 -7.17 20.24 -12.44
C GLN C 125 -6.69 21.59 -12.94
N GLU C 126 -6.02 22.36 -12.09
CA GLU C 126 -5.51 23.68 -12.45
C GLU C 126 -4.02 23.63 -12.79
N ASP C 127 -3.58 24.59 -13.60
CA ASP C 127 -2.16 24.84 -13.77
C ASP C 127 -1.58 25.36 -12.46
N LEU C 128 -0.31 25.05 -12.23
CA LEU C 128 0.37 25.46 -11.02
C LEU C 128 1.55 26.37 -11.33
N LEU C 129 1.66 27.44 -10.55
CA LEU C 129 2.81 28.34 -10.62
C LEU C 129 3.81 27.86 -9.58
N ILE C 130 4.96 27.37 -10.02
CA ILE C 130 5.99 26.83 -9.13
C ILE C 130 7.21 27.75 -9.15
N LEU C 131 7.80 27.99 -7.97
CA LEU C 131 8.95 28.86 -7.81
C LEU C 131 10.10 28.12 -7.12
N TRP C 132 11.32 28.48 -7.50
CA TRP C 132 12.52 27.86 -6.94
C TRP C 132 13.69 28.81 -7.15
N GLY C 133 14.82 28.51 -6.47
CA GLY C 133 15.95 29.42 -6.48
C GLY C 133 17.29 28.70 -6.56
N ILE C 134 18.34 29.51 -6.79
CA ILE C 134 19.72 29.04 -6.74
C ILE C 134 20.53 30.03 -5.90
N HIS C 135 21.53 29.51 -5.20
CA HIS C 135 22.38 30.33 -4.34
C HIS C 135 23.79 30.36 -4.92
N HIS C 136 24.26 31.55 -5.25
CA HIS C 136 25.66 31.77 -5.59
C HIS C 136 26.38 32.18 -4.31
N SER C 137 27.25 31.31 -3.81
CA SER C 137 27.88 31.61 -2.54
C SER C 137 29.04 32.59 -2.74
N ASN C 138 29.41 33.23 -1.63
CA ASN C 138 30.47 34.22 -1.60
C ASN C 138 31.81 33.62 -1.99
N ASP C 139 32.28 32.66 -1.21
CA ASP C 139 33.64 32.16 -1.31
C ASP C 139 33.60 30.64 -1.22
N ALA C 140 34.66 30.01 -1.72
CA ALA C 140 34.87 28.58 -1.57
C ALA C 140 34.65 28.13 -0.11
N ALA C 141 34.99 29.00 0.85
CA ALA C 141 34.78 28.69 2.25
C ALA C 141 33.29 28.54 2.55
N GLU C 142 32.51 29.56 2.22
CA GLU C 142 31.06 29.48 2.41
C GLU C 142 30.46 28.34 1.60
N GLN C 143 30.98 28.08 0.40
CA GLN C 143 30.46 26.98 -0.41
C GLN C 143 30.56 25.66 0.35
N THR C 144 31.78 25.27 0.73
CA THR C 144 31.97 24.03 1.49
C THR C 144 31.25 24.09 2.84
N LYS C 145 31.14 25.29 3.41
CA LYS C 145 30.46 25.42 4.70
C LYS C 145 28.97 25.14 4.57
N LEU C 146 28.35 25.60 3.48
CA LEU C 146 26.93 25.37 3.28
C LEU C 146 26.62 24.06 2.58
N TYR C 147 27.46 23.62 1.63
CA TYR C 147 27.08 22.56 0.69
C TYR C 147 28.11 21.47 0.52
N GLN C 148 29.22 21.50 1.27
CA GLN C 148 30.25 20.48 1.15
C GLN C 148 30.85 20.38 -0.26
N ASN C 149 30.04 20.02 -1.25
CA ASN C 149 30.55 19.82 -2.59
C ASN C 149 31.03 21.15 -3.17
N PRO C 150 32.29 21.24 -3.65
CA PRO C 150 32.73 22.51 -4.23
C PRO C 150 32.10 22.80 -5.58
N THR C 151 31.89 21.78 -6.41
CA THR C 151 31.37 21.91 -7.77
C THR C 151 29.95 21.34 -7.83
N THR C 152 28.98 22.19 -8.10
CA THR C 152 27.58 21.77 -8.01
C THR C 152 26.83 22.10 -9.28
N TYR C 153 25.53 21.80 -9.27
CA TYR C 153 24.63 22.05 -10.39
C TYR C 153 23.19 22.02 -9.90
N ILE C 154 22.32 22.70 -10.64
CA ILE C 154 20.88 22.60 -10.49
C ILE C 154 20.31 22.20 -11.85
N SER C 155 19.32 21.30 -11.83
CA SER C 155 18.76 20.76 -13.07
C SER C 155 17.25 20.69 -12.89
N VAL C 156 16.51 21.40 -13.75
CA VAL C 156 15.06 21.49 -13.65
C VAL C 156 14.47 21.20 -15.03
N GLY C 157 13.52 20.27 -15.09
CA GLY C 157 12.87 19.90 -16.34
C GLY C 157 11.35 19.73 -16.23
N THR C 158 10.63 20.28 -17.23
CA THR C 158 9.24 19.93 -17.52
C THR C 158 9.12 19.58 -18.99
N SER C 159 7.91 19.45 -19.50
CA SER C 159 7.76 19.14 -20.92
C SER C 159 8.15 20.33 -21.79
N THR C 160 8.21 21.55 -21.22
CA THR C 160 8.49 22.77 -21.98
C THR C 160 9.56 23.63 -21.30
N LEU C 161 10.36 23.05 -20.41
CA LEU C 161 11.41 23.79 -19.71
C LEU C 161 12.61 22.88 -19.52
N ASN C 162 13.82 23.45 -19.70
CA ASN C 162 15.06 22.69 -19.58
C ASN C 162 16.12 23.63 -19.00
N GLN C 163 16.40 23.49 -17.69
CA GLN C 163 17.40 24.28 -16.98
C GLN C 163 18.55 23.38 -16.54
N ARG C 164 19.78 23.78 -16.85
CA ARG C 164 20.99 23.17 -16.30
C ARG C 164 21.88 24.33 -15.83
N LEU C 165 21.79 24.69 -14.55
CA LEU C 165 22.55 25.80 -14.01
C LEU C 165 23.79 25.34 -13.27
N VAL C 166 24.79 26.23 -13.21
CA VAL C 166 26.03 25.99 -12.48
C VAL C 166 26.31 27.24 -11.66
N PRO C 167 26.30 27.17 -10.33
CA PRO C 167 26.45 28.39 -9.53
C PRO C 167 27.90 28.86 -9.50
N LYS C 168 28.08 30.18 -9.56
CA LYS C 168 29.42 30.74 -9.69
C LYS C 168 29.88 31.31 -8.35
N ILE C 169 30.93 30.70 -7.81
CA ILE C 169 31.68 31.26 -6.69
C ILE C 169 32.19 32.62 -7.10
N ALA C 170 31.79 33.66 -6.36
CA ALA C 170 32.23 35.02 -6.65
C ALA C 170 31.86 35.96 -5.51
N THR C 171 32.81 36.77 -5.05
CA THR C 171 32.55 37.66 -3.93
C THR C 171 31.89 38.95 -4.40
N ARG C 172 30.78 39.31 -3.74
CA ARG C 172 29.90 40.40 -4.17
C ARG C 172 30.18 41.66 -3.38
N SER C 173 29.55 42.75 -3.81
CA SER C 173 29.43 43.96 -3.02
CA SER C 173 29.43 43.96 -3.02
C SER C 173 28.23 43.78 -2.09
N LYS C 174 28.48 43.87 -0.78
CA LYS C 174 27.46 43.50 0.21
C LYS C 174 26.19 44.33 0.08
N VAL C 175 25.05 43.65 0.05
CA VAL C 175 23.73 44.27 0.20
C VAL C 175 23.08 43.65 1.44
N ASN C 176 22.79 44.49 2.44
CA ASN C 176 22.43 44.10 3.80
C ASN C 176 23.30 42.95 4.32
N GLY C 177 24.61 43.17 4.25
CA GLY C 177 25.59 42.37 4.96
C GLY C 177 25.89 41.01 4.40
N GLN C 178 25.49 40.71 3.17
CA GLN C 178 25.80 39.42 2.54
C GLN C 178 26.42 39.65 1.17
N SER C 179 27.51 38.94 0.89
CA SER C 179 28.19 39.00 -0.40
C SER C 179 27.87 37.80 -1.30
N GLY C 180 26.69 37.21 -1.12
CA GLY C 180 26.17 36.20 -2.03
C GLY C 180 24.84 36.68 -2.59
N ARG C 181 24.37 35.98 -3.62
CA ARG C 181 23.08 36.36 -4.18
C ARG C 181 22.27 35.12 -4.54
N MET C 182 20.96 35.30 -4.58
CA MET C 182 20.01 34.26 -4.91
C MET C 182 19.16 34.70 -6.11
N ASP C 183 19.12 33.86 -7.13
CA ASP C 183 18.25 34.09 -8.27
C ASP C 183 17.04 33.16 -8.19
N PHE C 184 15.88 33.69 -8.55
CA PHE C 184 14.66 32.91 -8.47
C PHE C 184 14.11 32.70 -9.88
N PHE C 185 13.39 31.59 -10.06
CA PHE C 185 12.83 31.24 -11.35
C PHE C 185 11.41 30.73 -11.10
N TRP C 186 10.61 30.73 -12.16
CA TRP C 186 9.25 30.27 -12.02
C TRP C 186 8.82 29.66 -13.33
N THR C 187 7.82 28.78 -13.25
CA THR C 187 7.26 28.16 -14.43
C THR C 187 5.79 27.85 -14.16
N ILE C 188 5.09 27.45 -15.21
CA ILE C 188 3.71 27.01 -15.14
C ILE C 188 3.68 25.53 -15.49
N LEU C 189 3.26 24.72 -14.53
CA LEU C 189 3.13 23.27 -14.72
C LEU C 189 1.68 22.97 -15.07
N LYS C 190 1.47 22.36 -16.24
CA LYS C 190 0.15 21.97 -16.69
C LYS C 190 -0.32 20.72 -15.96
N PRO C 191 -1.64 20.52 -15.86
CA PRO C 191 -2.14 19.25 -15.32
C PRO C 191 -1.53 18.07 -16.05
N ASN C 192 -1.03 17.11 -15.27
CA ASN C 192 -0.48 15.81 -15.71
C ASN C 192 0.93 15.96 -16.22
N ASP C 193 1.47 17.17 -16.25
CA ASP C 193 2.90 17.30 -16.50
C ASP C 193 3.66 17.24 -15.17
N ALA C 194 4.95 16.89 -15.26
CA ALA C 194 5.79 16.72 -14.09
C ALA C 194 7.03 17.60 -14.20
N ILE C 195 7.41 18.20 -13.08
CA ILE C 195 8.67 18.95 -12.98
C ILE C 195 9.70 18.10 -12.25
N ASN C 196 10.89 18.00 -12.83
CA ASN C 196 11.95 17.15 -12.31
C ASN C 196 13.08 18.03 -11.79
N PHE C 197 13.46 17.81 -10.53
CA PHE C 197 14.57 18.51 -9.90
C PHE C 197 15.72 17.54 -9.67
N GLU C 198 16.93 18.07 -9.78
CA GLU C 198 18.14 17.27 -9.53
C GLU C 198 19.25 18.23 -9.15
N SER C 199 19.88 18.01 -8.00
CA SER C 199 20.91 18.94 -7.54
C SER C 199 21.81 18.28 -6.52
N ASN C 200 23.06 18.79 -6.44
CA ASN C 200 24.00 18.40 -5.38
C ASN C 200 24.51 19.61 -4.61
N GLY C 201 23.82 20.73 -4.67
CA GLY C 201 24.12 21.87 -3.83
C GLY C 201 23.55 23.14 -4.41
N ASN C 202 23.39 24.13 -3.53
CA ASN C 202 22.99 25.50 -3.86
C ASN C 202 21.52 25.61 -4.24
N PHE C 203 20.73 24.57 -4.02
CA PHE C 203 19.35 24.53 -4.45
C PHE C 203 18.43 25.17 -3.40
N ILE C 204 17.60 26.11 -3.85
CA ILE C 204 16.50 26.64 -3.05
C ILE C 204 15.24 25.97 -3.60
N ALA C 205 14.66 24.99 -2.80
CA ALA C 205 13.62 24.10 -3.28
C ALA C 205 12.21 24.66 -3.06
N PRO C 206 11.25 24.31 -3.90
CA PRO C 206 9.86 24.67 -3.60
C PRO C 206 9.31 23.83 -2.46
N GLU C 207 8.43 24.45 -1.66
CA GLU C 207 7.52 23.68 -0.83
C GLU C 207 6.07 23.93 -1.25
N TYR C 208 5.68 25.19 -1.35
CA TYR C 208 4.33 25.59 -1.70
C TYR C 208 4.33 26.16 -3.12
N ALA C 209 3.35 25.76 -3.91
CA ALA C 209 3.08 26.34 -5.22
C ALA C 209 1.68 26.95 -5.20
N TYR C 210 1.21 27.45 -6.35
CA TYR C 210 -0.08 28.11 -6.44
C TYR C 210 -0.91 27.54 -7.59
N LYS C 211 -2.13 27.07 -7.28
CA LYS C 211 -3.12 26.75 -8.30
C LYS C 211 -3.69 28.03 -8.90
N ILE C 212 -3.83 28.03 -10.23
CA ILE C 212 -4.28 29.21 -10.97
C ILE C 212 -5.25 28.80 -12.06
N VAL C 213 -6.30 29.59 -12.21
CA VAL C 213 -7.18 29.54 -13.37
C VAL C 213 -7.23 30.95 -13.96
N LYS C 214 -7.22 31.02 -15.29
CA LYS C 214 -6.99 32.26 -16.00
C LYS C 214 -8.28 33.06 -16.23
N LYS C 215 -8.57 33.40 -17.48
CA LYS C 215 -9.71 34.25 -17.83
C LYS C 215 -11.04 33.64 -17.35
C1 NAG D . 1.61 12.49 -14.14
C2 NAG D . 2.38 11.88 -15.33
C3 NAG D . 1.42 11.41 -16.42
C4 NAG D . 0.28 10.57 -15.85
C5 NAG D . -0.37 11.26 -14.65
C6 NAG D . -1.41 10.41 -13.97
C7 NAG D . 4.59 12.45 -16.20
C8 NAG D . 5.46 13.52 -16.78
N2 NAG D . 3.34 12.82 -15.88
O3 NAG D . 2.15 10.68 -17.39
O4 NAG D . -0.72 10.49 -16.86
O5 NAG D . 0.63 11.57 -13.67
O6 NAG D . -0.90 9.13 -13.65
O7 NAG D . 5.00 11.30 -16.02
C1 NAG D . -1.10 9.16 -17.14
C2 NAG D . -2.35 9.17 -18.02
C3 NAG D . -2.70 7.75 -18.44
C4 NAG D . -1.49 7.04 -19.04
C5 NAG D . -0.27 7.20 -18.12
C6 NAG D . 1.01 6.69 -18.73
C7 NAG D . -3.85 11.06 -17.58
C8 NAG D . -5.03 11.56 -16.79
N2 NAG D . -3.46 9.80 -17.34
O3 NAG D . -3.76 7.79 -19.39
O4 NAG D . -1.77 5.66 -19.20
O5 NAG D . -0.05 8.58 -17.84
O6 NAG D . 0.93 5.30 -19.01
O7 NAG D . -3.29 11.77 -18.42
C1 FUC D . -1.98 8.17 -13.55
C2 FUC D . -1.35 6.76 -13.40
C3 FUC D . -0.66 6.59 -12.03
C4 FUC D . -1.58 7.04 -10.89
C5 FUC D . -2.18 8.42 -11.16
C6 FUC D . -3.24 8.81 -10.13
O2 FUC D . -0.47 6.43 -14.50
O3 FUC D . -0.40 5.22 -11.83
O4 FUC D . -2.64 6.11 -10.77
O5 FUC D . -2.83 8.47 -12.45
C1 NAG E . 27.77 12.38 10.67
C2 NAG E . 27.24 11.27 11.57
C3 NAG E . 28.31 10.20 11.80
C4 NAG E . 29.06 9.80 10.52
C5 NAG E . 29.36 11.00 9.60
C6 NAG E . 29.78 10.59 8.20
C7 NAG E . 25.50 11.88 13.19
C8 NAG E . 24.52 11.30 12.21
N2 NAG E . 26.79 11.83 12.83
O3 NAG E . 27.67 9.04 12.33
O4 NAG E . 30.32 9.29 10.92
O5 NAG E . 28.20 11.83 9.45
O6 NAG E . 30.95 11.30 7.80
O7 NAG E . 25.14 12.37 14.26
#